data_6TXD
#
_entry.id   6TXD
#
_cell.length_a   77.314
_cell.length_b   148.228
_cell.length_c   245.962
_cell.angle_alpha   90.000
_cell.angle_beta   90.000
_cell.angle_gamma   90.000
#
_symmetry.space_group_name_H-M   'I 2 2 2'
#
loop_
_entity.id
_entity.type
_entity.pdbx_description
1 polymer 'Beta lactamase (GNCA4-12)'
2 non-polymer GLYCEROL
3 non-polymer 'FORMIC ACID'
4 non-polymer 'ACETATE ION'
5 non-polymer 'SODIUM ION'
6 water water
#
_entity_poly.entity_id   1
_entity_poly.type   'polypeptide(L)'
_entity_poly.pdbx_seq_one_letter_code
;MAAALSEQLAELEKRSGGRLGVAVLDTATGRRFGYRGDERFPMCSTFKALLAAAVLARVDQGKENLDRRITYGKEDLVDY
SPVTEKHVGDGMTVAELCEAAITYSDNTAANLLLEALGGPAALTAFLRSIGDNVTRLDRWEPELNTAAPGDPRDTTTPAA
MAATLRTLLLGDVLSPASRQQLVDWLIANKTGDKRLRAGLPADDRVGDKTGTGEHGTTNDIAVVWPPNHAPIFLAVYLTE
SQVDADARDAVIAEVARLVVAAWVHHHHH
;
_entity_poly.pdbx_strand_id   A,B,C
#
loop_
_chem_comp.id
_chem_comp.type
_chem_comp.name
_chem_comp.formula
ACT non-polymer 'ACETATE ION' 'C2 H3 O2 -1'
FMT non-polymer 'FORMIC ACID' 'C H2 O2'
GOL non-polymer GLYCEROL 'C3 H8 O3'
NA non-polymer 'SODIUM ION' 'Na 1'
#
# COMPACT_ATOMS: atom_id res chain seq x y z
N ALA A 3 3.97 28.39 -30.86
CA ALA A 3 2.71 27.93 -31.42
C ALA A 3 1.59 28.93 -31.16
N ALA A 4 0.72 29.13 -32.15
CA ALA A 4 -0.47 29.93 -31.92
C ALA A 4 -1.40 29.26 -30.91
N LEU A 5 -1.38 27.92 -30.86
CA LEU A 5 -2.21 27.20 -29.89
C LEU A 5 -1.78 27.52 -28.47
N SER A 6 -0.46 27.54 -28.21
CA SER A 6 0.02 27.89 -26.87
C SER A 6 -0.42 29.29 -26.48
N GLU A 7 -0.34 30.24 -27.42
CA GLU A 7 -0.80 31.60 -27.12
C GLU A 7 -2.31 31.65 -26.93
N GLN A 8 -3.05 30.92 -27.77
CA GLN A 8 -4.50 30.88 -27.62
C GLN A 8 -4.90 30.30 -26.27
N LEU A 9 -4.25 29.22 -25.85
CA LEU A 9 -4.56 28.64 -24.54
C LEU A 9 -4.13 29.57 -23.41
N ALA A 10 -3.06 30.35 -23.61
CA ALA A 10 -2.66 31.32 -22.60
C ALA A 10 -3.73 32.37 -22.39
N GLU A 11 -4.35 32.84 -23.48
CA GLU A 11 -5.42 33.82 -23.35
C GLU A 11 -6.66 33.20 -22.74
N LEU A 12 -7.02 31.99 -23.16
CA LEU A 12 -8.15 31.29 -22.54
C LEU A 12 -7.90 31.05 -21.06
N GLU A 13 -6.69 30.65 -20.70
CA GLU A 13 -6.34 30.49 -19.29
C GLU A 13 -6.49 31.80 -18.53
N LYS A 14 -6.10 32.92 -19.14
N LYS A 14 -6.09 32.92 -19.14
CA LYS A 14 -6.27 34.22 -18.50
CA LYS A 14 -6.27 34.22 -18.50
C LYS A 14 -7.74 34.52 -18.24
C LYS A 14 -7.74 34.49 -18.23
N ARG A 15 -8.59 34.26 -19.24
CA ARG A 15 -10.02 34.52 -19.06
C ARG A 15 -10.63 33.60 -18.01
N SER A 16 -10.10 32.39 -17.86
CA SER A 16 -10.60 31.48 -16.84
C SER A 16 -10.25 31.95 -15.44
N GLY A 17 -9.15 32.69 -15.29
CA GLY A 17 -8.71 33.12 -13.99
C GLY A 17 -8.03 32.06 -13.15
N GLY A 18 -7.79 30.88 -13.71
CA GLY A 18 -7.17 29.79 -12.99
C GLY A 18 -5.95 29.26 -13.74
N ARG A 19 -5.72 27.96 -13.57
CA ARG A 19 -4.58 27.27 -14.16
C ARG A 19 -5.10 26.20 -15.11
N LEU A 20 -4.71 26.28 -16.37
CA LEU A 20 -5.20 25.39 -17.41
C LEU A 20 -4.10 24.45 -17.85
N GLY A 21 -4.42 23.15 -17.93
CA GLY A 21 -3.48 22.15 -18.39
C GLY A 21 -4.03 21.33 -19.54
N VAL A 22 -3.26 21.21 -20.62
CA VAL A 22 -3.71 20.53 -21.83
C VAL A 22 -2.59 19.62 -22.33
N ALA A 23 -2.95 18.40 -22.69
CA ALA A 23 -2.03 17.48 -23.35
C ALA A 23 -2.75 16.79 -24.49
N VAL A 24 -2.08 16.72 -25.65
CA VAL A 24 -2.61 16.02 -26.82
C VAL A 24 -1.61 14.95 -27.22
N LEU A 25 -2.14 13.77 -27.56
CA LEU A 25 -1.33 12.64 -27.99
C LEU A 25 -1.98 12.03 -29.22
N ASP A 26 -1.37 12.23 -30.38
CA ASP A 26 -1.92 11.78 -31.66
C ASP A 26 -1.18 10.51 -32.09
N THR A 27 -1.86 9.36 -31.95
CA THR A 27 -1.23 8.08 -32.23
C THR A 27 -1.15 7.75 -33.71
N ALA A 28 -1.82 8.52 -34.58
CA ALA A 28 -1.66 8.31 -36.02
C ALA A 28 -0.29 8.79 -36.50
N THR A 29 0.19 9.89 -35.93
CA THR A 29 1.47 10.48 -36.32
C THR A 29 2.53 10.46 -35.23
N GLY A 30 2.14 10.35 -33.96
CA GLY A 30 3.06 10.51 -32.87
C GLY A 30 3.19 11.93 -32.36
N ARG A 31 2.47 12.88 -32.95
CA ARG A 31 2.57 14.28 -32.55
C ARG A 31 1.99 14.47 -31.16
N ARG A 32 2.72 15.20 -30.32
N ARG A 32 2.73 15.18 -30.31
CA ARG A 32 2.30 15.51 -28.96
CA ARG A 32 2.30 15.53 -28.98
C ARG A 32 2.31 17.02 -28.75
C ARG A 32 2.24 17.04 -28.84
N PHE A 33 1.35 17.50 -27.96
CA PHE A 33 1.27 18.91 -27.60
C PHE A 33 0.99 19.02 -26.12
N GLY A 34 1.57 20.04 -25.48
CA GLY A 34 1.31 20.27 -24.08
C GLY A 34 1.26 21.74 -23.71
N TYR A 35 0.27 22.11 -22.91
CA TYR A 35 0.22 23.40 -22.24
C TYR A 35 0.16 23.12 -20.74
N ARG A 36 1.25 23.43 -20.03
CA ARG A 36 1.42 22.99 -18.65
C ARG A 36 1.22 21.49 -18.52
N GLY A 37 1.62 20.74 -19.55
CA GLY A 37 1.40 19.31 -19.57
C GLY A 37 2.13 18.56 -18.48
N ASP A 38 3.13 19.18 -17.86
CA ASP A 38 3.91 18.55 -16.80
C ASP A 38 3.69 19.24 -15.45
N GLU A 39 2.58 19.94 -15.28
CA GLU A 39 2.19 20.46 -13.98
C GLU A 39 1.13 19.54 -13.38
N ARG A 40 1.15 19.44 -12.05
CA ARG A 40 0.19 18.59 -11.36
C ARG A 40 -1.16 19.29 -11.24
N PHE A 41 -2.23 18.53 -11.46
CA PHE A 41 -3.60 19.01 -11.36
C PHE A 41 -4.43 18.03 -10.55
N PRO A 42 -5.36 18.51 -9.74
CA PRO A 42 -6.30 17.60 -9.08
C PRO A 42 -7.17 16.91 -10.12
N MET A 43 -7.01 15.58 -10.22
CA MET A 43 -7.70 14.87 -11.29
C MET A 43 -9.16 14.57 -10.97
N CYS A 44 -9.53 14.56 -9.68
CA CYS A 44 -10.89 14.26 -9.25
C CYS A 44 -11.43 13.03 -9.97
N SER A 45 -12.67 13.09 -10.47
CA SER A 45 -13.32 11.90 -11.01
C SER A 45 -12.65 11.35 -12.26
N THR A 46 -11.69 12.05 -12.85
CA THR A 46 -10.98 11.48 -13.99
C THR A 46 -10.18 10.24 -13.60
N PHE A 47 -9.88 10.07 -12.31
CA PHE A 47 -9.20 8.86 -11.86
C PHE A 47 -10.04 7.61 -12.05
N LYS A 48 -11.38 7.76 -12.11
CA LYS A 48 -12.24 6.60 -12.23
C LYS A 48 -12.02 5.83 -13.52
N ALA A 49 -11.50 6.48 -14.57
CA ALA A 49 -11.10 5.75 -15.76
C ALA A 49 -9.95 4.80 -15.46
N LEU A 50 -8.99 5.25 -14.64
CA LEU A 50 -7.88 4.38 -14.25
C LEU A 50 -8.32 3.34 -13.24
N LEU A 51 -9.27 3.68 -12.36
CA LEU A 51 -9.80 2.70 -11.42
C LEU A 51 -10.44 1.52 -12.14
N ALA A 52 -11.25 1.81 -13.16
CA ALA A 52 -11.89 0.74 -13.91
C ALA A 52 -10.86 -0.10 -14.65
N ALA A 53 -9.80 0.54 -15.17
CA ALA A 53 -8.74 -0.20 -15.84
C ALA A 53 -8.03 -1.14 -14.86
N ALA A 54 -7.78 -0.66 -13.64
CA ALA A 54 -7.14 -1.51 -12.63
C ALA A 54 -8.02 -2.69 -12.27
N VAL A 55 -9.33 -2.48 -12.22
CA VAL A 55 -10.26 -3.59 -11.96
C VAL A 55 -10.21 -4.59 -13.12
N LEU A 56 -10.24 -4.09 -14.35
CA LEU A 56 -10.22 -4.96 -15.52
C LEU A 56 -8.92 -5.76 -15.60
N ALA A 57 -7.81 -5.13 -15.22
CA ALA A 57 -6.54 -5.85 -15.19
C ALA A 57 -6.60 -7.04 -14.25
N ARG A 58 -7.25 -6.87 -13.10
CA ARG A 58 -7.41 -8.00 -12.17
C ARG A 58 -8.39 -9.03 -12.71
N VAL A 59 -9.33 -8.60 -13.56
CA VAL A 59 -10.23 -9.54 -14.24
C VAL A 59 -9.45 -10.35 -15.26
N ASP A 60 -8.82 -9.65 -16.23
CA ASP A 60 -7.82 -10.33 -17.04
C ASP A 60 -6.93 -11.25 -16.18
N GLN A 61 -6.60 -10.82 -14.95
CA GLN A 61 -5.85 -11.67 -14.04
C GLN A 61 -6.69 -12.78 -13.44
N GLY A 62 -7.98 -12.79 -13.66
CA GLY A 62 -8.80 -13.81 -13.06
C GLY A 62 -8.67 -13.87 -11.55
N LYS A 63 -8.17 -12.81 -10.93
CA LYS A 63 -8.34 -12.52 -9.52
C LYS A 63 -9.63 -11.77 -9.27
N GLU A 64 -10.37 -11.43 -10.32
CA GLU A 64 -11.61 -10.67 -10.20
C GLU A 64 -12.59 -11.14 -11.27
N ASN A 65 -13.87 -10.98 -10.98
N ASN A 65 -13.87 -11.01 -10.96
CA ASN A 65 -14.96 -11.41 -11.86
CA ASN A 65 -14.94 -11.41 -11.87
C ASN A 65 -15.92 -10.25 -12.07
C ASN A 65 -15.89 -10.24 -12.08
N LEU A 66 -16.19 -9.94 -13.34
CA LEU A 66 -17.11 -8.84 -13.65
C LEU A 66 -18.51 -9.11 -13.14
N ASP A 67 -18.89 -10.39 -13.02
CA ASP A 67 -20.21 -10.77 -12.55
C ASP A 67 -20.30 -10.85 -11.03
N ARG A 68 -19.19 -10.69 -10.32
CA ARG A 68 -19.23 -10.75 -8.86
C ARG A 68 -20.11 -9.65 -8.30
N ARG A 69 -21.00 -10.01 -7.38
CA ARG A 69 -21.95 -9.08 -6.80
C ARG A 69 -21.42 -8.50 -5.50
N ILE A 70 -21.60 -7.19 -5.32
CA ILE A 70 -21.19 -6.48 -4.12
C ILE A 70 -22.43 -5.82 -3.52
N THR A 71 -22.66 -6.06 -2.23
CA THR A 71 -23.77 -5.47 -1.51
C THR A 71 -23.26 -4.41 -0.54
N TYR A 72 -24.17 -3.54 -0.12
CA TYR A 72 -23.82 -2.41 0.72
C TYR A 72 -25.10 -1.86 1.34
N GLY A 73 -24.92 -1.08 2.40
CA GLY A 73 -26.02 -0.42 3.07
C GLY A 73 -26.12 1.05 2.67
N LYS A 74 -27.24 1.66 3.06
CA LYS A 74 -27.44 3.07 2.75
C LYS A 74 -26.43 3.96 3.45
N GLU A 75 -25.88 3.51 4.58
N GLU A 75 -25.88 3.49 4.58
CA GLU A 75 -24.86 4.28 5.28
CA GLU A 75 -24.86 4.26 5.29
C GLU A 75 -23.53 4.30 4.54
C GLU A 75 -23.54 4.31 4.53
N ASP A 76 -23.34 3.42 3.55
CA ASP A 76 -22.13 3.43 2.76
C ASP A 76 -22.18 4.43 1.61
N LEU A 77 -23.36 4.99 1.31
CA LEU A 77 -23.50 5.90 0.20
C LEU A 77 -22.87 7.25 0.52
N VAL A 78 -22.07 7.76 -0.42
CA VAL A 78 -21.58 9.11 -0.36
C VAL A 78 -22.38 9.96 -1.34
N ASP A 79 -22.14 11.27 -1.33
CA ASP A 79 -22.90 12.17 -2.18
CA ASP A 79 -22.90 12.18 -2.18
C ASP A 79 -22.61 11.89 -3.66
N TYR A 80 -23.51 12.40 -4.51
N TYR A 80 -23.57 12.26 -4.51
CA TYR A 80 -23.56 12.11 -5.94
CA TYR A 80 -23.47 12.10 -5.96
C TYR A 80 -23.27 10.64 -6.23
C TYR A 80 -23.30 10.63 -6.35
N SER A 81 -24.26 9.81 -5.96
CA SER A 81 -24.24 8.38 -6.28
C SER A 81 -25.58 8.01 -6.91
N PRO A 82 -25.84 8.49 -8.12
CA PRO A 82 -27.20 8.34 -8.69
C PRO A 82 -27.56 6.90 -9.04
N VAL A 83 -26.59 6.03 -9.27
CA VAL A 83 -26.88 4.64 -9.61
C VAL A 83 -26.87 3.75 -8.38
N THR A 84 -25.83 3.86 -7.55
CA THR A 84 -25.70 2.97 -6.40
C THR A 84 -26.79 3.20 -5.37
N GLU A 85 -27.34 4.42 -5.31
CA GLU A 85 -28.43 4.68 -4.37
C GLU A 85 -29.70 3.90 -4.72
N LYS A 86 -29.82 3.43 -5.96
N LYS A 86 -29.82 3.42 -5.95
CA LYS A 86 -30.98 2.68 -6.39
CA LYS A 86 -30.98 2.68 -6.40
C LYS A 86 -30.85 1.18 -6.16
C LYS A 86 -30.85 1.17 -6.16
N HIS A 87 -29.71 0.70 -5.66
CA HIS A 87 -29.47 -0.73 -5.48
C HIS A 87 -28.96 -1.04 -4.08
N VAL A 88 -29.44 -0.31 -3.07
CA VAL A 88 -29.12 -0.66 -1.70
C VAL A 88 -29.68 -2.03 -1.34
N GLY A 89 -30.82 -2.38 -1.93
CA GLY A 89 -31.45 -3.67 -1.66
C GLY A 89 -30.77 -4.86 -2.31
N ASP A 90 -30.47 -4.75 -3.60
CA ASP A 90 -30.01 -5.90 -4.39
C ASP A 90 -28.51 -5.88 -4.69
N GLY A 91 -27.82 -4.79 -4.40
CA GLY A 91 -26.40 -4.70 -4.74
C GLY A 91 -26.18 -4.58 -6.23
N MET A 92 -24.90 -4.56 -6.61
CA MET A 92 -24.51 -4.40 -8.00
C MET A 92 -23.29 -5.26 -8.29
N THR A 93 -23.16 -5.67 -9.55
CA THR A 93 -21.98 -6.40 -9.96
C THR A 93 -20.80 -5.46 -10.20
N VAL A 94 -19.61 -6.05 -10.28
CA VAL A 94 -18.40 -5.27 -10.53
C VAL A 94 -18.51 -4.52 -11.86
N ALA A 95 -19.05 -5.19 -12.87
CA ALA A 95 -19.24 -4.54 -14.17
C ALA A 95 -20.21 -3.36 -14.04
N GLU A 96 -21.33 -3.57 -13.35
CA GLU A 96 -22.30 -2.49 -13.18
C GLU A 96 -21.72 -1.33 -12.39
N LEU A 97 -20.83 -1.63 -11.43
CA LEU A 97 -20.20 -0.57 -10.66
C LEU A 97 -19.24 0.24 -11.52
N CYS A 98 -18.45 -0.44 -12.36
CA CYS A 98 -17.54 0.26 -13.26
C CYS A 98 -18.32 1.13 -14.25
N GLU A 99 -19.38 0.57 -14.83
CA GLU A 99 -20.22 1.35 -15.74
C GLU A 99 -20.81 2.57 -15.04
N ALA A 100 -21.27 2.39 -13.79
CA ALA A 100 -21.82 3.52 -13.05
C ALA A 100 -20.74 4.53 -12.71
N ALA A 101 -19.54 4.06 -12.38
CA ALA A 101 -18.46 4.98 -12.00
C ALA A 101 -17.99 5.81 -13.18
N ILE A 102 -18.04 5.26 -14.39
CA ILE A 102 -17.53 5.96 -15.57
C ILE A 102 -18.62 6.80 -16.22
N THR A 103 -19.76 6.19 -16.56
CA THR A 103 -20.77 6.86 -17.37
C THR A 103 -21.61 7.85 -16.58
N TYR A 104 -21.74 7.66 -15.26
CA TYR A 104 -22.49 8.59 -14.43
C TYR A 104 -21.65 9.21 -13.32
N SER A 105 -20.36 8.89 -13.25
CA SER A 105 -19.45 9.43 -12.23
C SER A 105 -19.97 9.15 -10.81
N ASP A 106 -20.55 7.97 -10.63
CA ASP A 106 -21.08 7.56 -9.33
C ASP A 106 -19.94 7.45 -8.32
N ASN A 107 -20.06 8.18 -7.21
CA ASN A 107 -18.96 8.23 -6.24
C ASN A 107 -18.92 6.99 -5.36
N THR A 108 -20.08 6.51 -4.91
CA THR A 108 -20.09 5.29 -4.08
C THR A 108 -19.57 4.10 -4.88
N ALA A 109 -19.89 4.04 -6.17
CA ALA A 109 -19.37 2.97 -7.01
C ALA A 109 -17.84 2.99 -7.05
N ALA A 110 -17.26 4.19 -7.10
CA ALA A 110 -15.80 4.30 -7.08
C ALA A 110 -15.23 3.80 -5.76
N ASN A 111 -15.90 4.13 -4.64
CA ASN A 111 -15.42 3.67 -3.33
C ASN A 111 -15.49 2.16 -3.22
N LEU A 112 -16.56 1.55 -3.73
CA LEU A 112 -16.68 0.09 -3.68
C LEU A 112 -15.63 -0.58 -4.55
N LEU A 113 -15.31 0.00 -5.70
CA LEU A 113 -14.29 -0.56 -6.56
C LEU A 113 -12.90 -0.36 -5.97
N LEU A 114 -12.67 0.79 -5.31
CA LEU A 114 -11.41 0.98 -4.59
C LEU A 114 -11.25 -0.06 -3.50
N GLU A 115 -12.33 -0.36 -2.77
CA GLU A 115 -12.32 -1.45 -1.81
C GLU A 115 -11.94 -2.77 -2.47
N ALA A 116 -12.49 -3.03 -3.67
CA ALA A 116 -12.17 -4.25 -4.38
C ALA A 116 -10.71 -4.31 -4.79
N LEU A 117 -10.10 -3.15 -5.04
CA LEU A 117 -8.67 -3.10 -5.35
C LEU A 117 -7.81 -3.29 -4.11
N GLY A 118 -8.29 -2.84 -2.96
CA GLY A 118 -7.47 -2.76 -1.77
C GLY A 118 -7.05 -1.36 -1.38
N GLY A 119 -7.69 -0.34 -1.93
CA GLY A 119 -7.45 1.02 -1.50
C GLY A 119 -6.76 1.88 -2.54
N PRO A 120 -6.69 3.20 -2.28
CA PRO A 120 -6.01 4.10 -3.21
C PRO A 120 -4.57 3.74 -3.48
N ALA A 121 -3.85 3.23 -2.46
CA ALA A 121 -2.46 2.82 -2.68
C ALA A 121 -2.37 1.66 -3.66
N ALA A 122 -3.39 0.79 -3.69
CA ALA A 122 -3.39 -0.30 -4.66
C ALA A 122 -3.56 0.24 -6.07
N LEU A 123 -4.37 1.28 -6.25
CA LEU A 123 -4.50 1.89 -7.57
C LEU A 123 -3.20 2.55 -8.01
N THR A 124 -2.55 3.28 -7.08
CA THR A 124 -1.26 3.87 -7.40
C THR A 124 -0.24 2.80 -7.77
N ALA A 125 -0.25 1.68 -7.06
CA ALA A 125 0.69 0.60 -7.36
C ALA A 125 0.43 0.02 -8.75
N PHE A 126 -0.83 -0.10 -9.14
CA PHE A 126 -1.15 -0.53 -10.50
C PHE A 126 -0.59 0.44 -11.53
N LEU A 127 -0.74 1.74 -11.27
CA LEU A 127 -0.22 2.75 -12.19
C LEU A 127 1.30 2.69 -12.28
N ARG A 128 1.96 2.43 -11.15
CA ARG A 128 3.41 2.26 -11.19
C ARG A 128 3.81 1.01 -11.95
N SER A 129 2.96 -0.03 -11.91
CA SER A 129 3.26 -1.27 -12.61
C SER A 129 3.21 -1.12 -14.13
N ILE A 130 2.55 -0.09 -14.63
CA ILE A 130 2.43 0.13 -16.06
C ILE A 130 3.26 1.33 -16.52
N GLY A 131 4.19 1.79 -15.69
CA GLY A 131 5.11 2.82 -16.09
C GLY A 131 4.66 4.25 -15.86
N ASP A 132 3.48 4.45 -15.28
CA ASP A 132 3.05 5.79 -14.87
C ASP A 132 3.68 6.06 -13.50
N ASN A 133 4.72 6.88 -13.49
CA ASN A 133 5.43 7.23 -12.27
C ASN A 133 5.01 8.59 -11.72
N VAL A 134 3.89 9.12 -12.18
CA VAL A 134 3.44 10.47 -11.85
C VAL A 134 2.11 10.46 -11.12
N THR A 135 1.11 9.81 -11.70
CA THR A 135 -0.23 9.81 -11.12
C THR A 135 -0.22 9.11 -9.76
N ARG A 136 -1.00 9.67 -8.83
CA ARG A 136 -1.14 9.10 -7.50
C ARG A 136 -2.56 9.31 -7.00
N LEU A 137 -3.12 8.28 -6.37
CA LEU A 137 -4.37 8.40 -5.63
C LEU A 137 -4.05 8.16 -4.16
N ASP A 138 -4.60 9.00 -3.30
CA ASP A 138 -4.30 8.96 -1.87
C ASP A 138 -5.53 8.82 -0.99
N ARG A 139 -6.68 9.33 -1.40
CA ARG A 139 -7.85 9.38 -0.54
C ARG A 139 -9.04 8.71 -1.24
N TRP A 140 -10.14 8.60 -0.49
CA TRP A 140 -11.37 8.02 -0.97
C TRP A 140 -12.36 9.13 -1.32
N GLU A 141 -13.49 8.73 -1.89
CA GLU A 141 -14.57 9.67 -2.12
C GLU A 141 -15.23 10.04 -0.80
N PRO A 142 -15.56 11.32 -0.58
CA PRO A 142 -15.37 12.42 -1.53
C PRO A 142 -14.15 13.30 -1.25
N GLU A 143 -13.29 12.88 -0.31
CA GLU A 143 -12.17 13.74 0.10
C GLU A 143 -11.16 13.95 -1.02
N LEU A 144 -11.06 13.01 -1.96
CA LEU A 144 -10.10 13.17 -3.04
C LEU A 144 -10.43 14.33 -3.97
N ASN A 145 -11.54 15.04 -3.74
CA ASN A 145 -11.98 16.14 -4.61
C ASN A 145 -11.76 17.51 -3.99
N THR A 146 -11.06 17.60 -2.86
CA THR A 146 -10.88 18.91 -2.22
C THR A 146 -10.08 19.86 -3.10
N ALA A 147 -9.14 19.34 -3.88
CA ALA A 147 -8.45 20.10 -4.93
C ALA A 147 -7.79 21.36 -4.36
N ALA A 148 -7.04 21.18 -3.28
CA ALA A 148 -6.36 22.31 -2.66
C ALA A 148 -5.10 22.65 -3.45
N PRO A 149 -4.86 23.94 -3.75
CA PRO A 149 -3.62 24.31 -4.44
C PRO A 149 -2.39 23.95 -3.61
N GLY A 150 -1.38 23.40 -4.28
CA GLY A 150 -0.17 22.97 -3.61
C GLY A 150 -0.23 21.58 -3.01
N ASP A 151 -1.38 20.91 -3.05
CA ASP A 151 -1.53 19.58 -2.48
C ASP A 151 -1.29 18.55 -3.57
N PRO A 152 -0.23 17.73 -3.48
CA PRO A 152 0.03 16.73 -4.54
C PRO A 152 -0.84 15.49 -4.45
N ARG A 153 -1.62 15.32 -3.38
CA ARG A 153 -2.46 14.14 -3.25
C ARG A 153 -3.52 14.10 -4.34
N ASP A 154 -3.76 12.91 -4.89
CA ASP A 154 -4.82 12.70 -5.87
C ASP A 154 -4.64 13.58 -7.10
N THR A 155 -3.40 13.67 -7.59
CA THR A 155 -3.08 14.53 -8.72
C THR A 155 -2.50 13.70 -9.86
N THR A 156 -2.55 14.30 -11.04
CA THR A 156 -1.87 13.82 -12.23
C THR A 156 -1.35 15.03 -12.99
N THR A 157 -0.59 14.78 -14.04
CA THR A 157 -0.29 15.83 -15.01
C THR A 157 -1.03 15.53 -16.30
N PRO A 158 -1.32 16.57 -17.11
CA PRO A 158 -1.99 16.29 -18.39
C PRO A 158 -1.23 15.30 -19.25
N ALA A 159 0.10 15.45 -19.35
CA ALA A 159 0.88 14.56 -20.20
C ALA A 159 0.89 13.14 -19.68
N ALA A 160 0.99 12.97 -18.36
CA ALA A 160 0.99 11.62 -17.79
C ALA A 160 -0.35 10.92 -18.00
N MET A 161 -1.45 11.64 -17.77
CA MET A 161 -2.77 11.04 -17.91
C MET A 161 -3.05 10.63 -19.35
N ALA A 162 -2.65 11.46 -20.31
CA ALA A 162 -2.84 11.11 -21.72
C ALA A 162 -2.01 9.91 -22.11
N ALA A 163 -0.74 9.86 -21.67
CA ALA A 163 0.11 8.72 -21.98
C ALA A 163 -0.40 7.45 -21.32
N THR A 164 -0.93 7.56 -20.10
CA THR A 164 -1.46 6.38 -19.41
C THR A 164 -2.74 5.89 -20.07
N LEU A 165 -3.64 6.81 -20.44
CA LEU A 165 -4.84 6.42 -21.16
C LEU A 165 -4.49 5.73 -22.47
N ARG A 166 -3.44 6.19 -23.15
CA ARG A 166 -3.01 5.55 -24.39
C ARG A 166 -2.53 4.13 -24.15
N THR A 167 -1.68 3.93 -23.13
CA THR A 167 -1.19 2.59 -22.84
C THR A 167 -2.31 1.65 -22.44
N LEU A 168 -3.34 2.16 -21.75
CA LEU A 168 -4.43 1.30 -21.32
C LEU A 168 -5.35 0.92 -22.47
N LEU A 169 -5.62 1.87 -23.37
CA LEU A 169 -6.58 1.63 -24.45
C LEU A 169 -5.94 1.06 -25.71
N LEU A 170 -4.67 1.37 -25.95
CA LEU A 170 -3.97 0.91 -27.15
C LEU A 170 -2.89 -0.13 -26.86
N GLY A 171 -2.16 0.02 -25.76
CA GLY A 171 -1.13 -0.93 -25.42
C GLY A 171 -1.71 -2.29 -25.03
N ASP A 172 -0.83 -3.15 -24.54
N ASP A 172 -0.83 -3.16 -24.57
CA ASP A 172 -1.19 -4.51 -24.16
CA ASP A 172 -1.20 -4.51 -24.16
C ASP A 172 -1.11 -4.69 -22.65
C ASP A 172 -1.10 -4.69 -22.65
N VAL A 173 -1.55 -3.67 -21.90
CA VAL A 173 -1.71 -3.83 -20.46
C VAL A 173 -2.97 -4.64 -20.18
N LEU A 174 -4.05 -4.33 -20.87
CA LEU A 174 -5.32 -5.02 -20.73
C LEU A 174 -5.52 -6.02 -21.86
N SER A 175 -6.35 -7.02 -21.59
CA SER A 175 -6.77 -7.95 -22.63
C SER A 175 -7.54 -7.20 -23.72
N PRO A 176 -7.60 -7.77 -24.93
CA PRO A 176 -8.45 -7.16 -25.96
C PRO A 176 -9.88 -6.96 -25.51
N ALA A 177 -10.47 -7.94 -24.82
CA ALA A 177 -11.82 -7.79 -24.31
C ALA A 177 -11.90 -6.68 -23.27
N SER A 178 -10.91 -6.61 -22.39
CA SER A 178 -10.91 -5.57 -21.36
C SER A 178 -10.70 -4.18 -21.97
N ARG A 179 -9.85 -4.09 -22.99
CA ARG A 179 -9.65 -2.81 -23.68
C ARG A 179 -10.95 -2.34 -24.30
N GLN A 180 -11.63 -3.23 -25.03
CA GLN A 180 -12.90 -2.86 -25.67
C GLN A 180 -13.95 -2.48 -24.63
N GLN A 181 -13.93 -3.14 -23.47
CA GLN A 181 -14.91 -2.85 -22.43
C GLN A 181 -14.70 -1.44 -21.86
N LEU A 182 -13.46 -1.09 -21.55
CA LEU A 182 -13.18 0.26 -21.06
C LEU A 182 -13.51 1.30 -22.11
N VAL A 183 -13.18 1.03 -23.38
CA VAL A 183 -13.55 1.93 -24.46
C VAL A 183 -15.06 2.10 -24.52
N ASP A 184 -15.80 0.99 -24.41
CA ASP A 184 -17.26 1.06 -24.48
C ASP A 184 -17.83 1.89 -23.34
N TRP A 185 -17.28 1.74 -22.13
CA TRP A 185 -17.75 2.52 -21.00
C TRP A 185 -17.50 4.01 -21.22
N LEU A 186 -16.29 4.36 -21.68
CA LEU A 186 -15.96 5.76 -21.90
C LEU A 186 -16.83 6.37 -23.00
N ILE A 187 -17.06 5.63 -24.08
CA ILE A 187 -17.91 6.13 -25.16
C ILE A 187 -19.33 6.36 -24.67
N ALA A 188 -19.79 5.56 -23.71
CA ALA A 188 -21.15 5.66 -23.20
C ALA A 188 -21.30 6.68 -22.08
N ASN A 189 -20.29 7.52 -21.85
CA ASN A 189 -20.36 8.48 -20.76
C ASN A 189 -21.50 9.47 -20.97
N LYS A 190 -22.15 9.85 -19.88
CA LYS A 190 -23.30 10.74 -19.91
C LYS A 190 -23.03 12.11 -19.30
N THR A 191 -21.87 12.31 -18.67
CA THR A 191 -21.63 13.51 -17.88
C THR A 191 -20.84 14.58 -18.62
N GLY A 192 -20.33 14.31 -19.82
CA GLY A 192 -19.42 15.24 -20.46
C GLY A 192 -19.90 15.89 -21.74
N ASP A 193 -21.22 16.06 -21.87
CA ASP A 193 -21.77 16.63 -23.10
C ASP A 193 -21.42 18.10 -23.30
N LYS A 194 -21.12 18.82 -22.22
N LYS A 194 -21.12 18.82 -22.22
CA LYS A 194 -20.83 20.25 -22.28
CA LYS A 194 -20.83 20.25 -22.31
C LYS A 194 -19.33 20.55 -22.24
C LYS A 194 -19.33 20.55 -22.20
N ARG A 195 -18.48 19.54 -22.33
CA ARG A 195 -17.05 19.76 -22.24
C ARG A 195 -16.38 19.44 -23.57
N LEU A 196 -15.47 18.48 -23.59
CA LEU A 196 -14.71 18.20 -24.82
C LEU A 196 -15.63 17.77 -25.96
N ARG A 197 -16.63 16.95 -25.66
CA ARG A 197 -17.56 16.51 -26.69
C ARG A 197 -18.23 17.68 -27.39
N ALA A 198 -18.52 18.75 -26.64
CA ALA A 198 -19.23 19.88 -27.21
C ALA A 198 -18.44 20.56 -28.31
N GLY A 199 -17.12 20.69 -28.14
CA GLY A 199 -16.30 21.34 -29.14
C GLY A 199 -15.77 20.47 -30.25
N LEU A 200 -16.00 19.15 -30.18
CA LEU A 200 -15.44 18.28 -31.20
C LEU A 200 -16.38 18.13 -32.39
N PRO A 201 -15.83 17.90 -33.58
CA PRO A 201 -16.69 17.64 -34.75
C PRO A 201 -17.62 16.47 -34.51
N ALA A 202 -18.82 16.56 -35.11
CA ALA A 202 -19.88 15.61 -34.79
C ALA A 202 -19.57 14.20 -35.29
N ASP A 203 -18.78 14.07 -36.35
CA ASP A 203 -18.46 12.74 -36.86
C ASP A 203 -17.32 12.08 -36.10
N ASP A 204 -16.86 12.68 -35.00
CA ASP A 204 -15.82 12.10 -34.17
C ASP A 204 -16.41 11.07 -33.21
N ARG A 205 -15.80 9.89 -33.18
N ARG A 205 -15.82 9.88 -33.18
CA ARG A 205 -16.10 8.90 -32.15
CA ARG A 205 -16.13 8.92 -32.14
C ARG A 205 -15.32 9.26 -30.89
C ARG A 205 -15.33 9.27 -30.89
N VAL A 206 -16.02 9.45 -29.77
CA VAL A 206 -15.40 9.98 -28.56
C VAL A 206 -15.84 9.19 -27.34
N GLY A 207 -14.89 8.85 -26.49
CA GLY A 207 -15.16 8.46 -25.12
C GLY A 207 -14.41 9.39 -24.19
N ASP A 208 -14.99 9.64 -23.01
CA ASP A 208 -14.41 10.61 -22.09
C ASP A 208 -14.76 10.27 -20.66
N LYS A 209 -14.10 10.96 -19.73
CA LYS A 209 -14.37 10.89 -18.31
C LYS A 209 -14.19 12.26 -17.69
N THR A 210 -15.22 12.75 -17.01
CA THR A 210 -15.20 14.09 -16.44
C THR A 210 -14.63 14.08 -15.03
N GLY A 211 -14.27 15.28 -14.57
CA GLY A 211 -13.85 15.50 -13.20
C GLY A 211 -14.26 16.89 -12.74
N THR A 212 -14.76 17.00 -11.51
CA THR A 212 -15.22 18.28 -10.97
C THR A 212 -14.88 18.34 -9.49
N GLY A 213 -14.35 19.48 -9.06
CA GLY A 213 -13.96 19.61 -7.67
C GLY A 213 -14.03 21.01 -7.11
N GLU A 214 -13.54 21.18 -5.88
CA GLU A 214 -13.50 22.49 -5.25
C GLU A 214 -12.44 23.36 -5.92
N HIS A 215 -12.34 24.60 -5.46
CA HIS A 215 -11.40 25.58 -6.00
C HIS A 215 -11.57 25.71 -7.51
N GLY A 216 -12.83 25.79 -7.96
CA GLY A 216 -13.15 25.94 -9.37
C GLY A 216 -12.44 24.96 -10.27
N THR A 217 -12.62 23.66 -10.03
CA THR A 217 -11.92 22.61 -10.76
C THR A 217 -12.88 21.93 -11.73
N THR A 218 -12.49 21.88 -13.00
CA THR A 218 -13.29 21.25 -14.05
C THR A 218 -12.35 20.55 -15.01
N ASN A 219 -12.49 19.23 -15.12
CA ASN A 219 -11.57 18.42 -15.91
C ASN A 219 -12.34 17.55 -16.88
N ASP A 220 -11.62 17.10 -17.92
CA ASP A 220 -12.16 16.15 -18.88
C ASP A 220 -11.00 15.50 -19.62
N ILE A 221 -10.99 14.17 -19.66
CA ILE A 221 -10.03 13.40 -20.44
C ILE A 221 -10.81 12.59 -21.45
N ALA A 222 -10.22 12.39 -22.63
CA ALA A 222 -10.98 11.79 -23.71
C ALA A 222 -10.06 11.03 -24.67
N VAL A 223 -10.64 10.02 -25.32
CA VAL A 223 -10.06 9.38 -26.49
C VAL A 223 -10.96 9.67 -27.68
N VAL A 224 -10.37 10.21 -28.75
CA VAL A 224 -11.14 10.70 -29.89
C VAL A 224 -10.66 9.97 -31.14
N TRP A 225 -11.62 9.40 -31.88
CA TRP A 225 -11.34 8.79 -33.18
C TRP A 225 -11.96 9.65 -34.27
N PRO A 226 -11.18 10.46 -34.98
CA PRO A 226 -11.69 11.10 -36.19
C PRO A 226 -11.94 10.05 -37.27
N PRO A 227 -12.75 10.38 -38.28
CA PRO A 227 -13.04 9.38 -39.32
C PRO A 227 -11.77 8.90 -40.01
N ASN A 228 -11.64 7.57 -40.13
CA ASN A 228 -10.50 6.94 -40.81
C ASN A 228 -9.17 7.34 -40.17
N HIS A 229 -9.18 7.49 -38.85
CA HIS A 229 -8.07 8.08 -38.13
C HIS A 229 -7.77 7.29 -36.86
N ALA A 230 -6.48 7.12 -36.58
CA ALA A 230 -6.06 6.51 -35.32
C ALA A 230 -6.46 7.41 -34.15
N PRO A 231 -6.57 6.87 -32.94
CA PRO A 231 -7.12 7.67 -31.84
C PRO A 231 -6.19 8.80 -31.42
N ILE A 232 -6.80 9.89 -30.99
CA ILE A 232 -6.10 11.02 -30.38
C ILE A 232 -6.52 11.10 -28.92
N PHE A 233 -5.54 11.16 -28.04
CA PHE A 233 -5.79 11.22 -26.61
C PHE A 233 -5.64 12.65 -26.13
N LEU A 234 -6.61 13.09 -25.33
CA LEU A 234 -6.73 14.48 -24.93
C LEU A 234 -6.99 14.51 -23.44
N ALA A 235 -6.21 15.31 -22.71
CA ALA A 235 -6.35 15.47 -21.27
C ALA A 235 -6.34 16.95 -20.94
N VAL A 236 -7.45 17.46 -20.41
CA VAL A 236 -7.60 18.87 -20.10
C VAL A 236 -7.99 19.01 -18.64
N TYR A 237 -7.22 19.82 -17.91
CA TYR A 237 -7.46 20.06 -16.49
C TYR A 237 -7.49 21.57 -16.25
N LEU A 238 -8.54 22.02 -15.57
CA LEU A 238 -8.68 23.42 -15.17
C LEU A 238 -8.92 23.47 -13.67
N THR A 239 -8.16 24.31 -12.97
CA THR A 239 -8.32 24.44 -11.54
C THR A 239 -8.03 25.88 -11.14
N GLU A 240 -8.48 26.24 -9.94
CA GLU A 240 -8.37 27.59 -9.38
C GLU A 240 -9.06 28.64 -10.25
N SER A 241 -9.98 28.21 -11.12
CA SER A 241 -10.68 29.14 -11.99
C SER A 241 -11.71 29.93 -11.19
N GLN A 242 -11.96 31.16 -11.65
CA GLN A 242 -12.79 32.11 -10.92
C GLN A 242 -14.18 32.31 -11.55
N VAL A 243 -14.53 31.53 -12.57
CA VAL A 243 -15.84 31.63 -13.19
C VAL A 243 -16.65 30.39 -12.82
N ASP A 244 -17.98 30.52 -12.96
CA ASP A 244 -18.88 29.49 -12.46
C ASP A 244 -18.76 28.21 -13.28
N ALA A 245 -19.54 27.20 -12.88
CA ALA A 245 -19.39 25.86 -13.45
C ALA A 245 -19.75 25.84 -14.93
N ASP A 246 -20.79 26.58 -15.33
CA ASP A 246 -21.17 26.60 -16.74
C ASP A 246 -20.08 27.22 -17.60
N ALA A 247 -19.47 28.32 -17.12
CA ALA A 247 -18.38 28.92 -17.86
C ALA A 247 -17.14 28.05 -17.87
N ARG A 248 -16.92 27.27 -16.81
CA ARG A 248 -15.78 26.37 -16.77
C ARG A 248 -15.95 25.22 -17.77
N ASP A 249 -17.17 24.70 -17.89
CA ASP A 249 -17.45 23.73 -18.95
C ASP A 249 -17.17 24.34 -20.32
N ALA A 250 -17.55 25.60 -20.51
CA ALA A 250 -17.30 26.27 -21.79
C ALA A 250 -15.82 26.44 -22.06
N VAL A 251 -15.01 26.58 -21.00
CA VAL A 251 -13.56 26.63 -21.19
C VAL A 251 -13.05 25.32 -21.77
N ILE A 252 -13.59 24.20 -21.27
CA ILE A 252 -13.17 22.89 -21.77
C ILE A 252 -13.62 22.68 -23.21
N ALA A 253 -14.86 23.08 -23.52
CA ALA A 253 -15.34 22.99 -24.89
C ALA A 253 -14.50 23.83 -25.83
N GLU A 254 -14.07 25.01 -25.38
N GLU A 254 -14.07 25.01 -25.37
CA GLU A 254 -13.24 25.85 -26.24
CA GLU A 254 -13.23 25.88 -26.18
C GLU A 254 -11.87 25.24 -26.48
C GLU A 254 -11.88 25.25 -26.47
N VAL A 255 -11.34 24.51 -25.49
CA VAL A 255 -10.04 23.85 -25.70
C VAL A 255 -10.14 22.83 -26.82
N ALA A 256 -11.23 22.06 -26.85
CA ALA A 256 -11.43 21.11 -27.94
C ALA A 256 -11.51 21.83 -29.28
N ARG A 257 -12.22 22.96 -29.33
N ARG A 257 -12.21 22.97 -29.33
CA ARG A 257 -12.30 23.73 -30.57
CA ARG A 257 -12.29 23.73 -30.58
C ARG A 257 -10.92 24.20 -31.01
C ARG A 257 -10.93 24.22 -31.02
N LEU A 258 -10.11 24.70 -30.07
CA LEU A 258 -8.79 25.21 -30.42
C LEU A 258 -7.87 24.10 -30.90
N VAL A 259 -7.90 22.94 -30.22
CA VAL A 259 -7.02 21.84 -30.60
C VAL A 259 -7.39 21.30 -31.97
N VAL A 260 -8.69 21.18 -32.25
CA VAL A 260 -9.12 20.73 -33.57
C VAL A 260 -8.71 21.72 -34.64
N ALA A 261 -8.91 23.02 -34.35
CA ALA A 261 -8.49 24.06 -35.30
C ALA A 261 -6.99 24.05 -35.50
N ALA A 262 -6.22 23.74 -34.46
CA ALA A 262 -4.77 23.64 -34.63
C ALA A 262 -4.39 22.41 -35.44
N TRP A 263 -5.16 21.33 -35.33
CA TRP A 263 -4.82 20.10 -36.04
C TRP A 263 -5.15 20.20 -37.53
N VAL A 264 -6.27 20.84 -37.87
CA VAL A 264 -6.59 21.01 -39.27
C VAL A 264 -5.62 21.98 -39.93
N HIS A 265 -5.14 22.99 -39.19
CA HIS A 265 -4.12 23.87 -39.73
C HIS A 265 -2.79 23.15 -39.89
N HIS A 266 -2.53 22.14 -39.05
CA HIS A 266 -1.32 21.33 -39.22
C HIS A 266 -1.31 20.57 -40.54
N HIS A 267 -2.49 20.31 -41.11
CA HIS A 267 -2.61 19.58 -42.37
C HIS A 267 -2.86 20.52 -43.53
N HIS A 268 -3.96 21.26 -43.50
CA HIS A 268 -4.32 22.17 -44.58
C HIS A 268 -4.30 23.63 -44.10
N ALA B 3 -35.53 -22.11 3.69
CA ALA B 3 -34.65 -22.98 4.46
C ALA B 3 -34.91 -22.84 5.95
N ALA B 4 -35.07 -23.97 6.63
CA ALA B 4 -35.31 -23.95 8.07
C ALA B 4 -34.12 -23.36 8.81
N LEU B 5 -32.91 -23.65 8.35
CA LEU B 5 -31.71 -23.11 9.00
C LEU B 5 -31.70 -21.59 8.93
N SER B 6 -32.20 -21.02 7.83
CA SER B 6 -32.28 -19.56 7.72
C SER B 6 -33.26 -18.99 8.74
N GLU B 7 -34.43 -19.63 8.88
CA GLU B 7 -35.39 -19.19 9.90
C GLU B 7 -34.80 -19.34 11.29
N GLN B 8 -34.06 -20.42 11.54
CA GLN B 8 -33.48 -20.65 12.86
C GLN B 8 -32.41 -19.62 13.17
N LEU B 9 -31.53 -19.33 12.20
CA LEU B 9 -30.52 -18.31 12.41
C LEU B 9 -31.15 -16.93 12.56
N ALA B 10 -32.27 -16.69 11.88
CA ALA B 10 -32.98 -15.42 12.05
C ALA B 10 -33.42 -15.22 13.49
N GLU B 11 -34.06 -16.23 14.08
N GLU B 11 -34.07 -16.23 14.07
CA GLU B 11 -34.56 -16.11 15.45
CA GLU B 11 -34.56 -16.11 15.45
C GLU B 11 -33.42 -16.05 16.45
C GLU B 11 -33.40 -16.04 16.44
N LEU B 12 -32.34 -16.82 16.21
CA LEU B 12 -31.17 -16.74 17.08
C LEU B 12 -30.51 -15.37 16.99
N GLU B 13 -30.51 -14.74 15.81
CA GLU B 13 -29.91 -13.41 15.66
C GLU B 13 -30.61 -12.41 16.54
N LYS B 14 -31.92 -12.57 16.62
CA LYS B 14 -32.78 -11.66 17.33
C LYS B 14 -32.61 -11.88 18.85
N ARG B 15 -32.37 -13.13 19.28
N ARG B 15 -32.37 -13.13 19.28
CA ARG B 15 -32.04 -13.38 20.68
CA ARG B 15 -32.02 -13.39 20.67
C ARG B 15 -30.70 -12.74 21.06
C ARG B 15 -30.70 -12.74 21.06
N SER B 16 -29.75 -12.70 20.14
CA SER B 16 -28.46 -12.05 20.41
C SER B 16 -28.60 -10.54 20.50
N GLY B 17 -29.67 -9.96 19.96
CA GLY B 17 -29.87 -8.52 20.00
C GLY B 17 -29.04 -7.74 19.01
N GLY B 18 -28.23 -8.40 18.19
CA GLY B 18 -27.34 -7.73 17.25
C GLY B 18 -27.49 -8.29 15.86
N ARG B 19 -26.37 -8.36 15.15
CA ARG B 19 -26.31 -8.77 13.75
C ARG B 19 -25.42 -10.00 13.63
N LEU B 20 -25.95 -11.05 13.00
CA LEU B 20 -25.30 -12.35 12.95
C LEU B 20 -25.01 -12.74 11.51
N GLY B 21 -23.78 -13.19 11.26
CA GLY B 21 -23.39 -13.65 9.94
C GLY B 21 -22.80 -15.05 9.96
N VAL B 22 -23.26 -15.91 9.05
CA VAL B 22 -22.85 -17.31 9.01
C VAL B 22 -22.56 -17.69 7.57
N ALA B 23 -21.46 -18.42 7.35
CA ALA B 23 -21.16 -19.00 6.06
C ALA B 23 -20.64 -20.41 6.25
N VAL B 24 -21.13 -21.33 5.42
CA VAL B 24 -20.72 -22.72 5.43
C VAL B 24 -20.23 -23.08 4.04
N LEU B 25 -19.11 -23.81 3.98
CA LEU B 25 -18.54 -24.28 2.71
C LEU B 25 -18.19 -25.75 2.90
N ASP B 26 -19.01 -26.63 2.32
CA ASP B 26 -18.81 -28.08 2.40
C ASP B 26 -18.02 -28.51 1.17
N THR B 27 -16.74 -28.84 1.36
CA THR B 27 -15.88 -29.23 0.24
C THR B 27 -16.15 -30.64 -0.26
N ALA B 28 -16.95 -31.43 0.44
CA ALA B 28 -17.32 -32.75 -0.07
C ALA B 28 -18.29 -32.62 -1.25
N THR B 29 -19.29 -31.76 -1.10
CA THR B 29 -20.31 -31.57 -2.11
C THR B 29 -20.23 -30.23 -2.84
N GLY B 30 -19.48 -29.27 -2.31
CA GLY B 30 -19.49 -27.93 -2.84
C GLY B 30 -20.63 -27.06 -2.34
N ARG B 31 -21.53 -27.62 -1.53
CA ARG B 31 -22.66 -26.85 -1.04
C ARG B 31 -22.19 -25.71 -0.15
N ARG B 32 -22.82 -24.55 -0.30
CA ARG B 32 -22.53 -23.40 0.52
C ARG B 32 -23.83 -22.82 1.06
N PHE B 33 -23.78 -22.37 2.30
CA PHE B 33 -24.92 -21.73 2.96
C PHE B 33 -24.47 -20.40 3.52
N GLY B 34 -25.37 -19.42 3.49
CA GLY B 34 -25.09 -18.13 4.07
C GLY B 34 -26.29 -17.50 4.76
N TYR B 35 -26.06 -16.91 5.93
CA TYR B 35 -26.99 -15.98 6.56
C TYR B 35 -26.24 -14.68 6.75
N ARG B 36 -26.63 -13.65 5.99
CA ARG B 36 -25.86 -12.41 5.90
C ARG B 36 -24.41 -12.70 5.53
N GLY B 37 -24.20 -13.72 4.71
CA GLY B 37 -22.86 -14.09 4.28
C GLY B 37 -22.18 -13.06 3.41
N ASP B 38 -22.93 -12.09 2.89
N ASP B 38 -22.91 -12.08 2.88
CA ASP B 38 -22.44 -11.05 2.01
CA ASP B 38 -22.32 -11.06 2.03
C ASP B 38 -22.16 -9.73 2.74
C ASP B 38 -22.39 -9.67 2.67
N GLU B 39 -22.61 -9.60 3.98
CA GLU B 39 -22.49 -8.36 4.72
C GLU B 39 -21.15 -8.31 5.45
N ARG B 40 -20.66 -7.09 5.66
CA ARG B 40 -19.37 -6.90 6.30
C ARG B 40 -19.50 -6.95 7.82
N PHE B 41 -18.54 -7.62 8.45
CA PHE B 41 -18.44 -7.74 9.90
C PHE B 41 -17.01 -7.42 10.33
N PRO B 42 -16.83 -6.84 11.51
CA PRO B 42 -15.46 -6.61 12.01
C PRO B 42 -14.77 -7.94 12.26
N MET B 43 -13.56 -8.07 11.72
CA MET B 43 -12.82 -9.32 11.87
C MET B 43 -12.34 -9.52 13.29
N CYS B 44 -11.79 -8.47 13.91
CA CYS B 44 -11.00 -8.62 15.13
C CYS B 44 -9.95 -9.70 14.91
N SER B 45 -9.72 -10.55 15.90
CA SER B 45 -8.58 -11.47 15.85
C SER B 45 -8.73 -12.57 14.80
N THR B 46 -9.89 -12.72 14.17
CA THR B 46 -10.00 -13.73 13.11
C THR B 46 -9.05 -13.46 11.96
N PHE B 47 -8.59 -12.21 11.79
CA PHE B 47 -7.65 -11.88 10.74
C PHE B 47 -6.30 -12.55 10.95
N LYS B 48 -5.97 -12.97 12.18
CA LYS B 48 -4.64 -13.49 12.46
C LYS B 48 -4.39 -14.81 11.74
N ALA B 49 -5.45 -15.55 11.39
CA ALA B 49 -5.29 -16.73 10.56
C ALA B 49 -4.77 -16.36 9.18
N LEU B 50 -5.30 -15.27 8.61
CA LEU B 50 -4.80 -14.79 7.33
C LEU B 50 -3.42 -14.18 7.46
N LEU B 51 -3.13 -13.53 8.59
CA LEU B 51 -1.81 -12.97 8.82
C LEU B 51 -0.74 -14.06 8.82
N ALA B 52 -1.01 -15.18 9.48
CA ALA B 52 -0.05 -16.28 9.51
C ALA B 52 0.13 -16.89 8.12
N ALA B 53 -0.96 -16.98 7.35
CA ALA B 53 -0.85 -17.47 5.98
C ALA B 53 0.06 -16.57 5.14
N ALA B 54 -0.11 -15.26 5.27
CA ALA B 54 0.71 -14.32 4.50
C ALA B 54 2.18 -14.45 4.87
N VAL B 55 2.47 -14.67 6.15
CA VAL B 55 3.85 -14.89 6.57
C VAL B 55 4.36 -16.22 6.03
N LEU B 56 3.54 -17.27 6.09
CA LEU B 56 3.94 -18.57 5.56
C LEU B 56 4.18 -18.51 4.06
N ALA B 57 3.41 -17.69 3.34
CA ALA B 57 3.63 -17.55 1.91
C ALA B 57 5.02 -16.99 1.63
N ARG B 58 5.47 -16.03 2.43
CA ARG B 58 6.80 -15.47 2.24
C ARG B 58 7.89 -16.45 2.64
N VAL B 59 7.61 -17.32 3.62
CA VAL B 59 8.54 -18.41 3.92
C VAL B 59 8.67 -19.34 2.72
N ASP B 60 7.54 -19.67 2.09
CA ASP B 60 7.58 -20.45 0.86
C ASP B 60 8.43 -19.78 -0.21
N GLN B 61 8.34 -18.45 -0.30
CA GLN B 61 9.09 -17.70 -1.32
C GLN B 61 10.57 -17.56 -0.97
N GLY B 62 10.99 -17.95 0.23
CA GLY B 62 12.35 -17.74 0.63
C GLY B 62 12.70 -16.34 1.09
N LYS B 63 11.69 -15.51 1.33
CA LYS B 63 11.90 -14.15 1.83
C LYS B 63 11.66 -14.03 3.32
N GLU B 64 11.28 -15.13 3.98
CA GLU B 64 11.08 -15.15 5.42
C GLU B 64 11.52 -16.51 5.95
N ASN B 65 11.93 -16.53 7.22
CA ASN B 65 12.35 -17.75 7.88
C ASN B 65 11.58 -17.89 9.18
N LEU B 66 11.00 -19.08 9.41
CA LEU B 66 10.28 -19.34 10.64
C LEU B 66 11.20 -19.27 11.86
N ASP B 67 12.50 -19.50 11.66
CA ASP B 67 13.47 -19.47 12.76
C ASP B 67 14.01 -18.06 13.05
N ARG B 68 13.65 -17.07 12.24
CA ARG B 68 14.17 -15.72 12.44
C ARG B 68 13.67 -15.16 13.77
N ARG B 69 14.59 -14.60 14.55
CA ARG B 69 14.28 -14.07 15.87
C ARG B 69 13.93 -12.59 15.79
N ILE B 70 12.90 -12.19 16.53
CA ILE B 70 12.45 -10.80 16.60
C ILE B 70 12.47 -10.38 18.06
N THR B 71 13.17 -9.28 18.34
CA THR B 71 13.23 -8.72 19.68
C THR B 71 12.37 -7.45 19.75
N TYR B 72 11.93 -7.13 20.96
CA TYR B 72 11.06 -5.99 21.19
C TYR B 72 11.19 -5.57 22.65
N GLY B 73 10.62 -4.42 22.97
CA GLY B 73 10.72 -3.83 24.29
C GLY B 73 9.42 -3.88 25.07
N LYS B 74 9.54 -3.55 26.35
CA LYS B 74 8.37 -3.48 27.23
C LYS B 74 7.33 -2.51 26.69
N GLU B 75 7.77 -1.39 26.13
CA GLU B 75 6.86 -0.39 25.59
C GLU B 75 6.18 -0.82 24.30
N ASP B 76 6.64 -1.91 23.66
CA ASP B 76 6.01 -2.40 22.45
C ASP B 76 4.80 -3.27 22.71
N LEU B 77 4.57 -3.68 23.96
CA LEU B 77 3.47 -4.58 24.28
C LEU B 77 2.15 -3.83 24.27
N VAL B 78 1.14 -4.43 23.65
CA VAL B 78 -0.23 -3.92 23.74
C VAL B 78 -1.04 -4.89 24.59
N ASP B 79 -2.32 -4.58 24.80
CA ASP B 79 -3.17 -5.39 25.66
C ASP B 79 -3.29 -6.83 25.12
N TYR B 80 -3.76 -7.72 26.00
CA TYR B 80 -4.05 -9.11 25.66
C TYR B 80 -2.88 -9.77 24.94
N SER B 81 -1.74 -9.82 25.64
CA SER B 81 -0.50 -10.36 25.10
C SER B 81 0.08 -11.35 26.11
N PRO B 82 -0.56 -12.52 26.26
CA PRO B 82 -0.12 -13.45 27.31
C PRO B 82 1.22 -14.10 27.01
N VAL B 83 1.55 -14.31 25.74
CA VAL B 83 2.82 -14.97 25.39
C VAL B 83 3.94 -13.95 25.21
N THR B 84 3.69 -12.90 24.43
CA THR B 84 4.74 -11.93 24.14
C THR B 84 5.25 -11.23 25.39
N GLU B 85 4.40 -11.12 26.42
N GLU B 85 4.43 -11.14 26.43
CA GLU B 85 4.81 -10.50 27.68
CA GLU B 85 4.86 -10.44 27.64
C GLU B 85 6.04 -11.18 28.26
C GLU B 85 5.90 -11.22 28.44
N LYS B 86 6.13 -12.50 28.12
CA LYS B 86 7.12 -13.31 28.82
C LYS B 86 8.45 -13.40 28.06
N HIS B 87 8.60 -12.72 26.93
CA HIS B 87 9.82 -12.83 26.13
C HIS B 87 10.35 -11.47 25.72
N VAL B 88 10.16 -10.46 26.57
CA VAL B 88 10.78 -9.15 26.32
C VAL B 88 12.30 -9.27 26.33
N GLY B 89 12.83 -10.19 27.14
CA GLY B 89 14.26 -10.36 27.24
C GLY B 89 14.90 -11.11 26.08
N ASP B 90 14.35 -12.27 25.74
CA ASP B 90 14.96 -13.15 24.74
C ASP B 90 14.33 -13.03 23.36
N GLY B 91 13.21 -12.32 23.22
CA GLY B 91 12.56 -12.25 21.94
C GLY B 91 11.88 -13.57 21.58
N MET B 92 11.43 -13.65 20.33
CA MET B 92 10.74 -14.83 19.84
C MET B 92 10.93 -14.98 18.35
N THR B 93 10.86 -16.22 17.88
CA THR B 93 10.97 -16.51 16.46
C THR B 93 9.65 -16.21 15.77
N VAL B 94 9.70 -16.16 14.43
CA VAL B 94 8.51 -15.92 13.64
C VAL B 94 7.50 -17.05 13.85
N ALA B 95 7.97 -18.30 13.86
CA ALA B 95 7.09 -19.43 14.11
C ALA B 95 6.43 -19.31 15.49
N GLU B 96 7.21 -18.95 16.51
CA GLU B 96 6.65 -18.78 17.85
C GLU B 96 5.64 -17.64 17.88
N LEU B 97 5.87 -16.59 17.10
CA LEU B 97 4.92 -15.48 17.06
C LEU B 97 3.63 -15.88 16.37
N CYS B 98 3.72 -16.68 15.31
CA CYS B 98 2.52 -17.16 14.64
C CYS B 98 1.71 -18.07 15.55
N GLU B 99 2.39 -18.96 16.28
CA GLU B 99 1.71 -19.84 17.23
C GLU B 99 1.01 -19.05 18.32
N ALA B 100 1.67 -18.02 18.85
CA ALA B 100 1.06 -17.19 19.89
C ALA B 100 -0.09 -16.38 19.31
N ALA B 101 0.06 -15.86 18.09
CA ALA B 101 -0.99 -15.06 17.48
C ALA B 101 -2.24 -15.88 17.23
N ILE B 102 -2.07 -17.15 16.90
CA ILE B 102 -3.21 -18.00 16.54
C ILE B 102 -3.79 -18.71 17.76
N THR B 103 -2.96 -19.42 18.51
CA THR B 103 -3.48 -20.30 19.56
C THR B 103 -3.83 -19.56 20.84
N TYR B 104 -3.19 -18.42 21.11
CA TYR B 104 -3.52 -17.61 22.27
C TYR B 104 -4.06 -16.23 21.90
N SER B 105 -4.20 -15.93 20.62
CA SER B 105 -4.71 -14.64 20.15
C SER B 105 -3.87 -13.48 20.71
N ASP B 106 -2.56 -13.70 20.78
CA ASP B 106 -1.66 -12.68 21.30
C ASP B 106 -1.63 -11.47 20.38
N ASN B 107 -1.89 -10.29 20.95
CA ASN B 107 -2.04 -9.09 20.12
C ASN B 107 -0.69 -8.50 19.73
N THR B 108 0.29 -8.49 20.63
CA THR B 108 1.60 -7.96 20.27
C THR B 108 2.27 -8.83 19.23
N ALA B 109 2.09 -10.15 19.33
CA ALA B 109 2.62 -11.06 18.31
C ALA B 109 2.07 -10.72 16.93
N ALA B 110 0.80 -10.33 16.86
CA ALA B 110 0.20 -9.96 15.59
C ALA B 110 0.80 -8.67 15.05
N ASN B 111 1.06 -7.69 15.93
CA ASN B 111 1.68 -6.45 15.49
C ASN B 111 3.09 -6.68 14.97
N LEU B 112 3.86 -7.53 15.66
CA LEU B 112 5.21 -7.84 15.18
C LEU B 112 5.17 -8.56 13.84
N LEU B 113 4.19 -9.44 13.65
CA LEU B 113 4.07 -10.14 12.38
C LEU B 113 3.57 -9.20 11.27
N LEU B 114 2.68 -8.27 11.62
CA LEU B 114 2.27 -7.25 10.66
C LEU B 114 3.45 -6.42 10.19
N GLU B 115 4.37 -6.11 11.12
CA GLU B 115 5.58 -5.40 10.75
C GLU B 115 6.44 -6.23 9.80
N ALA B 116 6.56 -7.52 10.07
CA ALA B 116 7.31 -8.40 9.17
C ALA B 116 6.73 -8.40 7.77
N LEU B 117 5.42 -8.21 7.65
CA LEU B 117 4.77 -8.12 6.34
C LEU B 117 4.96 -6.75 5.70
N GLY B 118 5.00 -5.69 6.52
CA GLY B 118 5.02 -4.34 6.02
C GLY B 118 3.78 -3.53 6.35
N GLY B 119 2.89 -4.05 7.17
CA GLY B 119 1.72 -3.29 7.60
C GLY B 119 0.41 -3.90 7.14
N PRO B 120 -0.69 -3.38 7.67
CA PRO B 120 -2.02 -3.87 7.25
C PRO B 120 -2.25 -3.86 5.75
N ALA B 121 -1.73 -2.85 5.04
CA ALA B 121 -1.91 -2.80 3.60
C ALA B 121 -1.19 -3.96 2.91
N ALA B 122 -0.09 -4.44 3.50
CA ALA B 122 0.62 -5.58 2.93
C ALA B 122 -0.21 -6.85 3.09
N LEU B 123 -0.91 -7.00 4.22
CA LEU B 123 -1.81 -8.14 4.37
C LEU B 123 -2.95 -8.07 3.37
N THR B 124 -3.55 -6.89 3.21
CA THR B 124 -4.62 -6.70 2.24
C THR B 124 -4.13 -7.03 0.83
N ALA B 125 -2.89 -6.64 0.51
CA ALA B 125 -2.34 -6.93 -0.81
C ALA B 125 -2.20 -8.44 -1.01
N PHE B 126 -1.79 -9.17 0.02
CA PHE B 126 -1.71 -10.62 -0.09
C PHE B 126 -3.07 -11.23 -0.36
N LEU B 127 -4.11 -10.73 0.31
CA LEU B 127 -5.45 -11.26 0.11
C LEU B 127 -5.96 -10.96 -1.29
N ARG B 128 -5.66 -9.79 -1.82
CA ARG B 128 -6.01 -9.49 -3.20
C ARG B 128 -5.27 -10.41 -4.17
N SER B 129 -4.03 -10.77 -3.84
CA SER B 129 -3.23 -11.62 -4.73
C SER B 129 -3.79 -13.03 -4.85
N ILE B 130 -4.60 -13.48 -3.88
CA ILE B 130 -5.16 -14.82 -3.93
C ILE B 130 -6.64 -14.81 -4.31
N GLY B 131 -7.17 -13.66 -4.73
CA GLY B 131 -8.54 -13.57 -5.19
C GLY B 131 -9.56 -13.16 -4.16
N ASP B 132 -9.14 -12.77 -2.96
CA ASP B 132 -10.05 -12.22 -1.95
C ASP B 132 -10.12 -10.72 -2.18
N ASN B 133 -11.20 -10.29 -2.85
CA ASN B 133 -11.42 -8.88 -3.17
C ASN B 133 -12.33 -8.19 -2.16
N VAL B 134 -12.51 -8.78 -0.98
CA VAL B 134 -13.47 -8.32 0.01
C VAL B 134 -12.80 -7.99 1.34
N THR B 135 -12.00 -8.92 1.86
CA THR B 135 -11.38 -8.73 3.15
C THR B 135 -10.35 -7.61 3.11
N ARG B 136 -10.35 -6.76 4.14
CA ARG B 136 -9.40 -5.66 4.24
C ARG B 136 -8.97 -5.51 5.69
N LEU B 137 -7.67 -5.26 5.88
CA LEU B 137 -7.12 -4.86 7.16
C LEU B 137 -6.51 -3.48 7.00
N ASP B 138 -6.86 -2.56 7.90
CA ASP B 138 -6.46 -1.16 7.81
CA ASP B 138 -6.40 -1.19 7.79
C ASP B 138 -5.64 -0.68 9.01
N ARG B 139 -5.89 -1.20 10.20
CA ARG B 139 -5.24 -0.71 11.41
C ARG B 139 -4.46 -1.81 12.10
N TRP B 140 -3.74 -1.41 13.14
CA TRP B 140 -2.94 -2.29 13.98
C TRP B 140 -3.70 -2.63 15.26
N GLU B 141 -3.12 -3.53 16.04
CA GLU B 141 -3.66 -3.81 17.36
C GLU B 141 -3.35 -2.66 18.30
N PRO B 142 -4.29 -2.26 19.17
CA PRO B 142 -5.60 -2.88 19.34
C PRO B 142 -6.73 -2.14 18.60
N GLU B 143 -6.36 -1.12 17.80
CA GLU B 143 -7.37 -0.25 17.21
C GLU B 143 -8.29 -0.99 16.24
N LEU B 144 -7.78 -2.05 15.59
CA LEU B 144 -8.60 -2.77 14.63
C LEU B 144 -9.79 -3.47 15.26
N ASN B 145 -9.86 -3.55 16.59
CA ASN B 145 -10.97 -4.17 17.28
C ASN B 145 -12.06 -3.18 17.68
N THR B 146 -12.05 -1.97 17.12
CA THR B 146 -13.03 -0.96 17.53
C THR B 146 -14.44 -1.37 17.13
N ALA B 147 -14.60 -1.99 15.95
CA ALA B 147 -15.85 -2.61 15.54
C ALA B 147 -17.02 -1.62 15.53
N ALA B 148 -16.76 -0.40 15.08
CA ALA B 148 -17.82 0.60 15.00
C ALA B 148 -18.79 0.22 13.90
N PRO B 149 -20.10 0.26 14.15
CA PRO B 149 -21.07 -0.05 13.09
C PRO B 149 -20.93 0.95 11.95
N GLY B 150 -21.00 0.43 10.71
CA GLY B 150 -20.85 1.23 9.53
C GLY B 150 -19.43 1.54 9.14
N ASP B 151 -18.44 1.06 9.91
CA ASP B 151 -17.04 1.28 9.59
C ASP B 151 -16.53 0.09 8.78
N PRO B 152 -16.19 0.25 7.50
CA PRO B 152 -15.72 -0.89 6.72
C PRO B 152 -14.28 -1.28 7.00
N ARG B 153 -13.56 -0.51 7.82
CA ARG B 153 -12.18 -0.84 8.12
C ARG B 153 -12.08 -2.13 8.92
N ASP B 154 -11.09 -2.95 8.56
CA ASP B 154 -10.77 -4.19 9.29
C ASP B 154 -11.96 -5.16 9.28
N THR B 155 -12.61 -5.30 8.14
CA THR B 155 -13.80 -6.12 8.02
C THR B 155 -13.61 -7.23 6.99
N THR B 156 -14.48 -8.22 7.08
CA THR B 156 -14.63 -9.26 6.07
C THR B 156 -16.12 -9.58 5.96
N THR B 157 -16.46 -10.47 5.04
CA THR B 157 -17.79 -11.06 5.08
C THR B 157 -17.67 -12.54 5.44
N PRO B 158 -18.71 -13.13 6.02
CA PRO B 158 -18.63 -14.57 6.32
C PRO B 158 -18.31 -15.42 5.11
N ALA B 159 -18.92 -15.13 3.95
CA ALA B 159 -18.66 -15.93 2.75
C ALA B 159 -17.23 -15.76 2.27
N ALA B 160 -16.71 -14.53 2.29
CA ALA B 160 -15.34 -14.30 1.83
C ALA B 160 -14.33 -14.98 2.75
N MET B 161 -14.55 -14.93 4.05
CA MET B 161 -13.61 -15.55 4.99
C MET B 161 -13.61 -17.07 4.85
N ALA B 162 -14.80 -17.66 4.70
CA ALA B 162 -14.87 -19.11 4.50
C ALA B 162 -14.17 -19.52 3.21
N ALA B 163 -14.42 -18.79 2.13
CA ALA B 163 -13.79 -19.11 0.85
C ALA B 163 -12.28 -18.90 0.90
N THR B 164 -11.84 -17.86 1.61
CA THR B 164 -10.40 -17.61 1.71
C THR B 164 -9.73 -18.67 2.58
N LEU B 165 -10.33 -19.01 3.72
CA LEU B 165 -9.80 -20.10 4.54
C LEU B 165 -9.73 -21.39 3.74
N ARG B 166 -10.71 -21.62 2.86
N ARG B 166 -10.71 -21.62 2.86
CA ARG B 166 -10.72 -22.83 2.05
CA ARG B 166 -10.71 -22.85 2.05
C ARG B 166 -9.54 -22.87 1.09
C ARG B 166 -9.54 -22.86 1.09
N THR B 167 -9.30 -21.76 0.39
CA THR B 167 -8.21 -21.71 -0.57
C THR B 167 -6.84 -21.75 0.11
N LEU B 168 -6.75 -21.23 1.34
CA LEU B 168 -5.47 -21.23 2.04
C LEU B 168 -5.10 -22.63 2.52
N LEU B 169 -6.07 -23.38 3.03
CA LEU B 169 -5.80 -24.69 3.61
C LEU B 169 -5.84 -25.81 2.58
N LEU B 170 -6.54 -25.63 1.46
CA LEU B 170 -6.69 -26.68 0.47
C LEU B 170 -6.19 -26.32 -0.92
N GLY B 171 -6.02 -25.04 -1.23
CA GLY B 171 -5.61 -24.61 -2.54
C GLY B 171 -4.10 -24.62 -2.70
N ASP B 172 -3.65 -24.00 -3.80
CA ASP B 172 -2.24 -23.97 -4.17
C ASP B 172 -1.53 -22.70 -3.72
N VAL B 173 -2.16 -21.89 -2.87
CA VAL B 173 -1.53 -20.65 -2.41
C VAL B 173 -0.26 -20.96 -1.64
N LEU B 174 -0.36 -21.82 -0.63
CA LEU B 174 0.78 -22.19 0.20
C LEU B 174 1.30 -23.57 -0.22
N SER B 175 2.57 -23.80 0.08
CA SER B 175 3.15 -25.13 -0.09
C SER B 175 2.47 -26.10 0.86
N PRO B 176 2.47 -27.40 0.54
CA PRO B 176 1.87 -28.39 1.46
C PRO B 176 2.43 -28.31 2.87
N ALA B 177 3.71 -27.97 3.03
CA ALA B 177 4.30 -27.87 4.36
C ALA B 177 3.66 -26.73 5.16
N SER B 178 3.52 -25.56 4.55
CA SER B 178 2.91 -24.43 5.26
C SER B 178 1.41 -24.61 5.44
N ARG B 179 0.75 -25.29 4.49
CA ARG B 179 -0.66 -25.63 4.69
C ARG B 179 -0.83 -26.47 5.95
N GLN B 180 0.00 -27.51 6.10
CA GLN B 180 -0.07 -28.34 7.30
C GLN B 180 0.29 -27.57 8.55
N GLN B 181 1.23 -26.62 8.45
CA GLN B 181 1.60 -25.82 9.61
C GLN B 181 0.45 -24.91 10.03
N LEU B 182 -0.21 -24.26 9.08
CA LEU B 182 -1.37 -23.43 9.40
C LEU B 182 -2.49 -24.27 10.00
N VAL B 183 -2.71 -25.48 9.45
CA VAL B 183 -3.72 -26.38 9.99
C VAL B 183 -3.38 -26.75 11.43
N ASP B 184 -2.12 -27.10 11.69
CA ASP B 184 -1.73 -27.52 13.03
C ASP B 184 -1.91 -26.39 14.04
N TRP B 185 -1.65 -25.14 13.62
CA TRP B 185 -1.83 -24.02 14.52
C TRP B 185 -3.31 -23.83 14.86
N LEU B 186 -4.18 -23.89 13.86
CA LEU B 186 -5.61 -23.72 14.10
C LEU B 186 -6.17 -24.84 14.96
N ILE B 187 -5.73 -26.07 14.72
CA ILE B 187 -6.19 -27.21 15.52
C ILE B 187 -5.76 -27.05 16.98
N ALA B 188 -4.62 -26.40 17.21
CA ALA B 188 -4.09 -26.23 18.55
C ALA B 188 -4.60 -24.98 19.25
N ASN B 189 -5.66 -24.34 18.73
CA ASN B 189 -6.16 -23.11 19.34
C ASN B 189 -6.70 -23.39 20.74
N LYS B 190 -6.40 -22.47 21.66
CA LYS B 190 -6.80 -22.60 23.06
C LYS B 190 -7.95 -21.69 23.44
N THR B 191 -8.38 -20.79 22.55
CA THR B 191 -9.32 -19.73 22.91
C THR B 191 -10.75 -20.00 22.48
N GLY B 192 -11.02 -21.12 21.82
CA GLY B 192 -12.34 -21.32 21.24
C GLY B 192 -13.16 -22.47 21.81
N ASP B 193 -12.88 -22.86 23.05
CA ASP B 193 -13.58 -24.00 23.64
C ASP B 193 -15.04 -23.71 23.93
N LYS B 194 -15.42 -22.43 24.06
CA LYS B 194 -16.80 -22.06 24.39
CA LYS B 194 -16.79 -22.05 24.38
C LYS B 194 -17.57 -21.57 23.17
N ARG B 195 -17.01 -21.67 21.97
CA ARG B 195 -17.70 -21.17 20.79
C ARG B 195 -18.05 -22.32 19.85
N LEU B 196 -17.53 -22.30 18.62
CA LEU B 196 -17.92 -23.31 17.64
C LEU B 196 -17.61 -24.73 18.13
N ARG B 197 -16.45 -24.92 18.76
CA ARG B 197 -16.08 -26.25 19.24
C ARG B 197 -17.10 -26.81 20.22
N ALA B 198 -17.75 -25.95 21.00
CA ALA B 198 -18.67 -26.42 22.03
C ALA B 198 -19.88 -27.12 21.42
N GLY B 199 -20.37 -26.62 20.28
CA GLY B 199 -21.55 -27.19 19.66
C GLY B 199 -21.31 -28.29 18.66
N LEU B 200 -20.04 -28.58 18.33
CA LEU B 200 -19.76 -29.59 17.32
C LEU B 200 -19.67 -30.98 17.94
N PRO B 201 -20.02 -32.02 17.18
CA PRO B 201 -19.88 -33.39 17.69
C PRO B 201 -18.43 -33.67 18.11
N ALA B 202 -18.29 -34.46 19.17
CA ALA B 202 -16.98 -34.64 19.78
C ALA B 202 -15.98 -35.33 18.87
N ASP B 203 -16.45 -36.17 17.93
CA ASP B 203 -15.53 -36.87 17.05
C ASP B 203 -15.06 -36.02 15.87
N ASP B 204 -15.52 -34.77 15.77
CA ASP B 204 -15.06 -33.87 14.72
C ASP B 204 -13.70 -33.30 15.08
N ARG B 205 -12.78 -33.32 14.12
N ARG B 205 -12.78 -33.34 14.12
CA ARG B 205 -11.50 -32.63 14.28
CA ARG B 205 -11.51 -32.64 14.27
C ARG B 205 -11.66 -31.19 13.85
C ARG B 205 -11.68 -31.18 13.86
N VAL B 206 -11.29 -30.27 14.74
CA VAL B 206 -11.57 -28.85 14.57
C VAL B 206 -10.28 -28.04 14.68
N GLY B 207 -10.11 -27.10 13.75
CA GLY B 207 -9.18 -25.99 13.92
C GLY B 207 -9.97 -24.70 13.79
N ASP B 208 -9.61 -23.71 14.61
CA ASP B 208 -10.40 -22.48 14.62
C ASP B 208 -9.55 -21.30 15.03
N LYS B 209 -10.07 -20.10 14.75
CA LYS B 209 -9.47 -18.85 15.18
C LYS B 209 -10.60 -17.93 15.63
N THR B 210 -10.53 -17.45 16.86
CA THR B 210 -11.59 -16.62 17.43
C THR B 210 -11.31 -15.15 17.20
N GLY B 211 -12.34 -14.35 17.45
CA GLY B 211 -12.24 -12.90 17.43
C GLY B 211 -13.19 -12.26 18.41
N THR B 212 -12.74 -11.22 19.11
CA THR B 212 -13.55 -10.55 20.12
C THR B 212 -13.26 -9.05 20.06
N GLY B 213 -14.31 -8.24 20.08
CA GLY B 213 -14.13 -6.81 20.00
C GLY B 213 -15.21 -6.07 20.75
N GLU B 214 -15.16 -4.75 20.67
CA GLU B 214 -16.16 -3.90 21.31
C GLU B 214 -17.48 -3.99 20.54
N HIS B 215 -18.49 -3.31 21.07
CA HIS B 215 -19.85 -3.37 20.53
C HIS B 215 -20.37 -4.80 20.52
N GLY B 216 -19.99 -5.57 21.54
CA GLY B 216 -20.43 -6.95 21.67
C GLY B 216 -20.09 -7.81 20.46
N THR B 217 -18.84 -7.76 20.03
CA THR B 217 -18.39 -8.51 18.86
C THR B 217 -17.77 -9.83 19.30
N THR B 218 -18.28 -10.93 18.74
CA THR B 218 -17.81 -12.26 19.08
C THR B 218 -17.78 -13.10 17.81
N ASN B 219 -16.60 -13.51 17.38
CA ASN B 219 -16.42 -14.20 16.11
C ASN B 219 -15.67 -15.50 16.30
N ASP B 220 -15.82 -16.38 15.31
CA ASP B 220 -15.11 -17.66 15.28
C ASP B 220 -15.19 -18.21 13.87
N ILE B 221 -14.04 -18.57 13.31
CA ILE B 221 -13.97 -19.25 12.02
C ILE B 221 -13.27 -20.58 12.23
N ALA B 222 -13.70 -21.60 11.48
CA ALA B 222 -13.22 -22.94 11.75
C ALA B 222 -13.18 -23.76 10.47
N VAL B 223 -12.28 -24.75 10.47
CA VAL B 223 -12.28 -25.83 9.50
C VAL B 223 -12.56 -27.12 10.26
N VAL B 224 -13.59 -27.85 9.82
CA VAL B 224 -14.13 -28.99 10.57
C VAL B 224 -14.01 -30.25 9.72
N TRP B 225 -13.38 -31.28 10.27
CA TRP B 225 -13.27 -32.57 9.62
C TRP B 225 -14.21 -33.56 10.32
N PRO B 226 -15.37 -33.85 9.75
CA PRO B 226 -16.19 -34.95 10.28
C PRO B 226 -15.53 -36.29 9.96
N PRO B 227 -15.85 -37.34 10.70
CA PRO B 227 -15.22 -38.64 10.44
C PRO B 227 -15.48 -39.11 9.01
N ASN B 228 -14.39 -39.44 8.32
CA ASN B 228 -14.44 -39.92 6.93
C ASN B 228 -15.24 -38.97 6.04
N HIS B 229 -14.96 -37.67 6.19
CA HIS B 229 -15.66 -36.64 5.44
C HIS B 229 -14.69 -35.53 5.08
N ALA B 230 -14.92 -34.91 3.92
CA ALA B 230 -14.10 -33.81 3.48
C ALA B 230 -14.29 -32.60 4.40
N PRO B 231 -13.32 -31.68 4.42
CA PRO B 231 -13.40 -30.54 5.35
C PRO B 231 -14.62 -29.66 5.09
N ILE B 232 -15.16 -29.12 6.18
CA ILE B 232 -16.24 -28.13 6.13
C ILE B 232 -15.71 -26.86 6.78
N PHE B 233 -15.91 -25.73 6.10
CA PHE B 233 -15.46 -24.44 6.59
C PHE B 233 -16.66 -23.64 7.09
N LEU B 234 -16.47 -22.96 8.22
CA LEU B 234 -17.57 -22.30 8.91
C LEU B 234 -17.06 -20.97 9.46
N ALA B 235 -17.65 -19.88 9.01
CA ALA B 235 -17.31 -18.54 9.47
C ALA B 235 -18.55 -17.93 10.11
N VAL B 236 -18.43 -17.55 11.39
CA VAL B 236 -19.55 -17.02 12.16
C VAL B 236 -19.11 -15.69 12.77
N TYR B 237 -19.86 -14.63 12.47
CA TYR B 237 -19.57 -13.30 12.97
C TYR B 237 -20.80 -12.74 13.66
N LEU B 238 -20.60 -12.15 14.84
CA LEU B 238 -21.66 -11.54 15.61
C LEU B 238 -21.16 -10.20 16.13
N THR B 239 -21.96 -9.15 15.95
CA THR B 239 -21.58 -7.82 16.42
C THR B 239 -22.85 -7.05 16.80
N GLU B 240 -22.65 -5.95 17.52
CA GLU B 240 -23.74 -5.13 18.04
C GLU B 240 -24.66 -5.93 18.96
N SER B 241 -24.13 -6.98 19.58
CA SER B 241 -24.92 -7.84 20.44
C SER B 241 -25.18 -7.18 21.79
N GLN B 242 -26.35 -7.46 22.35
CA GLN B 242 -26.78 -6.85 23.61
C GLN B 242 -26.60 -7.77 24.81
N VAL B 243 -26.21 -9.02 24.61
CA VAL B 243 -26.07 -9.97 25.70
C VAL B 243 -24.61 -10.00 26.13
N ASP B 244 -24.37 -10.54 27.33
CA ASP B 244 -23.04 -10.50 27.92
C ASP B 244 -22.11 -11.50 27.22
N ALA B 245 -20.85 -11.53 27.68
CA ALA B 245 -19.81 -12.28 26.97
C ALA B 245 -20.13 -13.77 26.93
N ASP B 246 -20.61 -14.34 28.03
CA ASP B 246 -20.92 -15.76 28.05
C ASP B 246 -22.07 -16.09 27.11
N ALA B 247 -23.10 -15.25 27.08
CA ALA B 247 -24.24 -15.52 26.20
C ALA B 247 -23.85 -15.34 24.74
N ARG B 248 -22.94 -14.42 24.43
CA ARG B 248 -22.46 -14.28 23.06
C ARG B 248 -21.68 -15.52 22.63
N ASP B 249 -20.84 -16.06 23.52
CA ASP B 249 -20.19 -17.34 23.25
C ASP B 249 -21.21 -18.42 22.95
N ALA B 250 -22.31 -18.44 23.72
CA ALA B 250 -23.32 -19.47 23.54
C ALA B 250 -24.05 -19.34 22.21
N VAL B 251 -24.13 -18.13 21.66
CA VAL B 251 -24.73 -17.96 20.34
C VAL B 251 -23.89 -18.66 19.29
N ILE B 252 -22.57 -18.51 19.37
CA ILE B 252 -21.68 -19.16 18.40
C ILE B 252 -21.78 -20.68 18.52
N ALA B 253 -21.79 -21.20 19.75
CA ALA B 253 -21.96 -22.63 19.94
C ALA B 253 -23.29 -23.11 19.38
N GLU B 254 -24.34 -22.30 19.54
CA GLU B 254 -25.65 -22.68 19.02
C GLU B 254 -25.67 -22.67 17.50
N VAL B 255 -24.91 -21.78 16.86
CA VAL B 255 -24.79 -21.80 15.40
C VAL B 255 -24.23 -23.13 14.95
N ALA B 256 -23.18 -23.60 15.63
CA ALA B 256 -22.60 -24.90 15.29
C ALA B 256 -23.63 -26.02 15.43
N ARG B 257 -24.42 -26.00 16.52
CA ARG B 257 -25.44 -27.01 16.70
C ARG B 257 -26.49 -26.95 15.60
N LEU B 258 -26.93 -25.75 15.23
CA LEU B 258 -27.93 -25.59 14.18
C LEU B 258 -27.39 -26.04 12.83
N VAL B 259 -26.12 -25.71 12.53
CA VAL B 259 -25.54 -26.07 11.25
C VAL B 259 -25.37 -27.58 11.15
N VAL B 260 -24.89 -28.22 12.21
CA VAL B 260 -24.69 -29.66 12.19
C VAL B 260 -26.03 -30.38 12.03
N ALA B 261 -27.06 -29.91 12.73
CA ALA B 261 -28.38 -30.53 12.61
C ALA B 261 -28.94 -30.38 11.19
N ALA B 262 -28.76 -29.20 10.58
CA ALA B 262 -29.20 -29.01 9.21
C ALA B 262 -28.45 -29.92 8.26
N TRP B 263 -27.15 -30.12 8.49
CA TRP B 263 -26.38 -31.03 7.66
C TRP B 263 -26.78 -32.48 7.89
N VAL B 264 -27.24 -32.81 9.10
CA VAL B 264 -27.78 -34.14 9.35
C VAL B 264 -29.01 -34.38 8.47
N HIS B 265 -29.83 -33.36 8.28
CA HIS B 265 -31.00 -33.48 7.41
C HIS B 265 -30.61 -33.56 5.95
N HIS B 266 -29.51 -32.92 5.56
CA HIS B 266 -29.07 -32.98 4.17
C HIS B 266 -28.70 -34.40 3.77
N HIS B 267 -28.08 -35.15 4.68
CA HIS B 267 -27.59 -36.49 4.36
C HIS B 267 -28.67 -37.56 4.51
N HIS B 268 -29.77 -37.25 5.21
CA HIS B 268 -30.82 -38.24 5.42
C HIS B 268 -32.20 -37.64 5.17
N ALA C 3 33.75 -9.36 25.53
CA ALA C 3 34.26 -8.67 24.35
C ALA C 3 34.65 -7.24 24.68
N ALA C 4 35.87 -6.85 24.31
CA ALA C 4 36.36 -5.52 24.63
C ALA C 4 35.63 -4.44 23.85
N LEU C 5 35.32 -4.72 22.58
CA LEU C 5 34.64 -3.73 21.75
C LEU C 5 33.27 -3.37 22.32
N SER C 6 32.53 -4.38 22.79
CA SER C 6 31.21 -4.11 23.35
C SER C 6 31.30 -3.29 24.63
N GLU C 7 32.30 -3.55 25.46
N GLU C 7 32.30 -3.55 25.47
CA GLU C 7 32.51 -2.73 26.66
CA GLU C 7 32.48 -2.72 26.65
C GLU C 7 32.92 -1.31 26.28
C GLU C 7 32.92 -1.31 26.28
N GLN C 8 33.73 -1.18 25.22
CA GLN C 8 34.13 0.15 24.77
C GLN C 8 32.93 0.94 24.26
N LEU C 9 32.04 0.27 23.51
CA LEU C 9 30.87 0.96 22.99
C LEU C 9 29.87 1.29 24.08
N ALA C 10 29.76 0.43 25.09
CA ALA C 10 28.88 0.74 26.22
C ALA C 10 29.35 1.98 26.96
N GLU C 11 30.67 2.15 27.09
CA GLU C 11 31.21 3.35 27.72
C GLU C 11 30.96 4.58 26.85
N LEU C 12 31.22 4.46 25.54
CA LEU C 12 30.94 5.55 24.62
C LEU C 12 29.46 5.91 24.63
N GLU C 13 28.60 4.89 24.67
CA GLU C 13 27.16 5.14 24.75
C GLU C 13 26.81 5.91 26.02
N LYS C 14 27.40 5.53 27.15
CA LYS C 14 27.11 6.21 28.41
C LYS C 14 27.54 7.68 28.35
N ARG C 15 28.69 7.96 27.73
CA ARG C 15 29.12 9.35 27.59
C ARG C 15 28.18 10.15 26.70
N SER C 16 27.67 9.53 25.63
CA SER C 16 26.73 10.21 24.75
C SER C 16 25.42 10.53 25.44
N GLY C 17 25.07 9.79 26.50
CA GLY C 17 23.82 10.00 27.20
C GLY C 17 22.60 9.40 26.53
N GLY C 18 22.75 8.79 25.36
CA GLY C 18 21.62 8.22 24.66
C GLY C 18 21.74 6.74 24.40
N ARG C 19 21.18 6.28 23.28
CA ARG C 19 21.20 4.88 22.90
C ARG C 19 21.99 4.73 21.60
N LEU C 20 22.94 3.81 21.61
CA LEU C 20 23.88 3.64 20.50
C LEU C 20 23.71 2.25 19.89
N GLY C 21 23.58 2.21 18.57
CA GLY C 21 23.48 0.95 17.86
C GLY C 21 24.53 0.81 16.77
N VAL C 22 25.24 -0.31 16.77
CA VAL C 22 26.34 -0.54 15.83
C VAL C 22 26.21 -1.94 15.25
N ALA C 23 26.40 -2.05 13.93
CA ALA C 23 26.48 -3.33 13.26
C ALA C 23 27.63 -3.32 12.27
N VAL C 24 28.37 -4.41 12.23
CA VAL C 24 29.49 -4.59 11.31
C VAL C 24 29.30 -5.89 10.56
N LEU C 25 29.52 -5.85 9.24
CA LEU C 25 29.45 -7.03 8.39
C LEU C 25 30.68 -7.05 7.51
N ASP C 26 31.58 -8.01 7.76
CA ASP C 26 32.79 -8.19 6.97
C ASP C 26 32.53 -9.30 5.96
N THR C 27 32.47 -8.93 4.67
CA THR C 27 32.17 -9.91 3.63
C THR C 27 33.37 -10.76 3.23
N ALA C 28 34.58 -10.39 3.66
CA ALA C 28 35.73 -11.27 3.44
C ALA C 28 35.68 -12.48 4.37
N THR C 29 35.32 -12.26 5.63
CA THR C 29 35.31 -13.30 6.64
C THR C 29 33.93 -13.88 6.89
N GLY C 30 32.88 -13.09 6.72
CA GLY C 30 31.57 -13.44 7.22
C GLY C 30 31.32 -12.99 8.64
N ARG C 31 32.34 -12.50 9.33
CA ARG C 31 32.19 -12.06 10.71
C ARG C 31 31.17 -10.94 10.82
N ARG C 32 30.35 -11.01 11.85
CA ARG C 32 29.39 -9.97 12.17
C ARG C 32 29.59 -9.52 13.60
N PHE C 33 29.45 -8.22 13.84
CA PHE C 33 29.43 -7.69 15.19
C PHE C 33 28.20 -6.80 15.35
N GLY C 34 27.61 -6.85 16.55
CA GLY C 34 26.49 -5.99 16.84
C GLY C 34 26.50 -5.46 18.27
N TYR C 35 26.21 -4.17 18.42
CA TYR C 35 25.91 -3.58 19.72
C TYR C 35 24.53 -2.95 19.60
N ARG C 36 23.55 -3.52 20.30
CA ARG C 36 22.14 -3.19 20.08
C ARG C 36 21.79 -3.31 18.61
N GLY C 37 22.40 -4.29 17.94
CA GLY C 37 22.24 -4.45 16.51
C GLY C 37 20.85 -4.86 16.09
N ASP C 38 20.05 -5.38 17.02
CA ASP C 38 18.69 -5.82 16.71
C ASP C 38 17.63 -4.95 17.38
N GLU C 39 18.00 -3.75 17.82
CA GLU C 39 17.07 -2.77 18.34
C GLU C 39 16.71 -1.78 17.24
N ARG C 40 15.49 -1.25 17.31
CA ARG C 40 15.03 -0.30 16.31
C ARG C 40 15.53 1.10 16.61
N PHE C 41 16.00 1.79 15.57
CA PHE C 41 16.46 3.16 15.63
C PHE C 41 15.80 3.96 14.51
N PRO C 42 15.52 5.25 14.74
CA PRO C 42 15.01 6.09 13.65
C PRO C 42 16.09 6.26 12.59
N MET C 43 15.76 5.84 11.36
CA MET C 43 16.77 5.84 10.31
C MET C 43 17.05 7.24 9.77
N CYS C 44 16.05 8.14 9.83
CA CYS C 44 16.17 9.48 9.28
C CYS C 44 16.60 9.41 7.82
N SER C 45 17.48 10.32 7.38
CA SER C 45 17.85 10.37 5.97
C SER C 45 18.71 9.19 5.53
N THR C 46 19.07 8.26 6.43
CA THR C 46 19.76 7.05 5.99
C THR C 46 18.86 6.17 5.12
N PHE C 47 17.55 6.40 5.15
CA PHE C 47 16.64 5.66 4.29
C PHE C 47 16.84 6.00 2.82
N LYS C 48 17.40 7.17 2.52
CA LYS C 48 17.53 7.61 1.13
C LYS C 48 18.46 6.72 0.32
N ALA C 49 19.37 5.99 0.97
CA ALA C 49 20.15 4.99 0.26
C ALA C 49 19.24 3.87 -0.25
N LEU C 50 18.30 3.42 0.58
CA LEU C 50 17.35 2.42 0.13
C LEU C 50 16.38 2.99 -0.90
N LEU C 51 16.06 4.28 -0.78
CA LEU C 51 15.15 4.92 -1.73
C LEU C 51 15.73 4.88 -3.14
N ALA C 52 17.01 5.23 -3.29
CA ALA C 52 17.63 5.20 -4.61
C ALA C 52 17.74 3.79 -5.15
N ALA C 53 17.93 2.80 -4.27
CA ALA C 53 17.99 1.41 -4.72
C ALA C 53 16.66 0.97 -5.33
N ALA C 54 15.54 1.35 -4.69
CA ALA C 54 14.23 0.97 -5.22
C ALA C 54 13.96 1.65 -6.55
N VAL C 55 14.42 2.88 -6.72
CA VAL C 55 14.27 3.57 -8.00
C VAL C 55 15.09 2.87 -9.08
N LEU C 56 16.35 2.53 -8.76
CA LEU C 56 17.21 1.86 -9.72
C LEU C 56 16.66 0.50 -10.11
N ALA C 57 16.05 -0.21 -9.15
CA ALA C 57 15.40 -1.48 -9.47
C ALA C 57 14.30 -1.28 -10.51
N ARG C 58 13.53 -0.21 -10.37
CA ARG C 58 12.49 0.08 -11.36
C ARG C 58 13.10 0.49 -12.69
N VAL C 59 14.25 1.15 -12.68
CA VAL C 59 14.97 1.41 -13.92
C VAL C 59 15.41 0.11 -14.57
N ASP C 60 15.90 -0.84 -13.76
CA ASP C 60 16.25 -2.16 -14.28
C ASP C 60 15.04 -2.84 -14.90
N GLN C 61 13.85 -2.65 -14.30
CA GLN C 61 12.64 -3.28 -14.80
C GLN C 61 12.06 -2.61 -16.03
N GLY C 62 12.63 -1.49 -16.46
CA GLY C 62 12.08 -0.74 -17.57
C GLY C 62 10.85 0.08 -17.23
N LYS C 63 10.53 0.24 -15.95
CA LYS C 63 9.40 1.04 -15.52
C LYS C 63 9.78 2.48 -15.18
N GLU C 64 11.08 2.78 -15.10
CA GLU C 64 11.57 4.09 -14.72
C GLU C 64 12.78 4.42 -15.58
N ASN C 65 12.99 5.71 -15.82
CA ASN C 65 14.14 6.17 -16.59
C ASN C 65 14.88 7.24 -15.80
N LEU C 66 16.20 7.11 -15.74
CA LEU C 66 17.02 8.09 -15.01
C LEU C 66 16.97 9.45 -15.68
N ASP C 67 16.74 9.50 -16.99
CA ASP C 67 16.66 10.76 -17.73
C ASP C 67 15.31 11.43 -17.63
N ARG C 68 14.30 10.76 -17.06
CA ARG C 68 12.97 11.36 -16.95
C ARG C 68 13.03 12.62 -16.10
N ARG C 69 12.50 13.71 -16.66
CA ARG C 69 12.54 15.01 -15.99
C ARG C 69 11.32 15.18 -15.11
N ILE C 70 11.54 15.63 -13.88
CA ILE C 70 10.48 15.92 -12.92
C ILE C 70 10.52 17.41 -12.60
N THR C 71 9.39 18.08 -12.77
CA THR C 71 9.27 19.49 -12.45
C THR C 71 8.39 19.67 -11.22
N TYR C 72 8.57 20.81 -10.56
CA TYR C 72 7.92 21.08 -9.29
C TYR C 72 7.92 22.58 -9.06
N GLY C 73 7.11 23.01 -8.09
CA GLY C 73 6.99 24.40 -7.74
C GLY C 73 7.68 24.74 -6.42
N LYS C 74 7.68 26.04 -6.12
N LYS C 74 7.75 26.04 -6.13
CA LYS C 74 8.24 26.54 -4.87
CA LYS C 74 8.37 26.46 -4.87
C LYS C 74 7.48 26.01 -3.65
C LYS C 74 7.54 26.03 -3.67
N GLU C 75 6.18 25.74 -3.79
N GLU C 75 6.25 25.75 -3.87
N GLU C 75 6.33 25.72 -3.79
CA GLU C 75 5.41 25.23 -2.67
CA GLU C 75 5.40 25.25 -2.79
CA GLU C 75 5.49 25.25 -2.70
C GLU C 75 5.76 23.79 -2.35
C GLU C 75 5.81 23.84 -2.36
C GLU C 75 5.81 23.81 -2.32
N ASP C 76 6.42 23.08 -3.25
CA ASP C 76 6.79 21.69 -3.02
C ASP C 76 8.11 21.53 -2.27
N LEU C 77 8.83 22.63 -2.01
CA LEU C 77 10.10 22.55 -1.31
C LEU C 77 9.86 22.43 0.19
N VAL C 78 10.55 21.47 0.81
CA VAL C 78 10.61 21.40 2.27
C VAL C 78 12.03 21.74 2.69
N ASP C 79 12.29 21.75 4.00
CA ASP C 79 13.56 22.22 4.51
C ASP C 79 14.70 21.30 4.09
N TYR C 80 15.93 21.83 4.18
CA TYR C 80 17.15 21.12 3.85
C TYR C 80 17.10 20.53 2.44
N SER C 81 16.88 21.41 1.47
CA SER C 81 16.86 21.04 0.05
C SER C 81 17.82 21.95 -0.71
N PRO C 82 19.13 21.82 -0.47
CA PRO C 82 20.07 22.77 -1.07
C PRO C 82 20.21 22.64 -2.58
N VAL C 83 19.84 21.50 -3.15
CA VAL C 83 19.96 21.27 -4.60
C VAL C 83 18.65 21.56 -5.31
N THR C 84 17.54 20.99 -4.83
CA THR C 84 16.25 21.19 -5.50
C THR C 84 15.77 22.63 -5.42
N GLU C 85 16.21 23.39 -4.43
CA GLU C 85 15.83 24.80 -4.32
C GLU C 85 16.36 25.63 -5.48
N LYS C 86 17.30 25.10 -6.26
CA LYS C 86 17.90 25.83 -7.37
C LYS C 86 17.26 25.54 -8.71
N HIS C 87 16.48 24.47 -8.82
CA HIS C 87 15.94 24.03 -10.11
C HIS C 87 14.41 24.00 -10.07
N VAL C 88 13.80 24.99 -9.40
CA VAL C 88 12.36 25.16 -9.48
C VAL C 88 11.94 25.50 -10.90
N GLY C 89 12.80 26.18 -11.65
CA GLY C 89 12.48 26.59 -13.00
C GLY C 89 12.62 25.51 -14.05
N ASP C 90 13.69 24.71 -13.96
CA ASP C 90 13.99 23.71 -14.98
C ASP C 90 13.70 22.28 -14.54
N GLY C 91 13.38 22.05 -13.26
CA GLY C 91 13.20 20.71 -12.78
C GLY C 91 14.52 19.95 -12.72
N MET C 92 14.41 18.65 -12.42
CA MET C 92 15.56 17.78 -12.33
C MET C 92 15.18 16.40 -12.85
N THR C 93 16.19 15.67 -13.32
CA THR C 93 15.98 14.29 -13.73
C THR C 93 15.98 13.37 -12.52
N VAL C 94 15.50 12.15 -12.72
CA VAL C 94 15.48 11.16 -11.65
C VAL C 94 16.90 10.88 -11.16
N ALA C 95 17.85 10.77 -12.09
CA ALA C 95 19.24 10.55 -11.71
C ALA C 95 19.78 11.73 -10.89
N GLU C 96 19.47 12.96 -11.31
CA GLU C 96 19.91 14.13 -10.56
C GLU C 96 19.23 14.20 -9.19
N LEU C 97 17.99 13.72 -9.08
CA LEU C 97 17.30 13.72 -7.79
C LEU C 97 17.89 12.68 -6.85
N CYS C 98 18.25 11.51 -7.36
CA CYS C 98 18.91 10.50 -6.53
C CYS C 98 20.28 10.98 -6.07
N GLU C 99 21.02 11.64 -6.96
CA GLU C 99 22.33 12.17 -6.58
C GLU C 99 22.20 13.22 -5.48
N ALA C 100 21.22 14.11 -5.59
CA ALA C 100 21.02 15.13 -4.57
C ALA C 100 20.56 14.51 -3.25
N ALA C 101 19.68 13.52 -3.32
CA ALA C 101 19.15 12.91 -2.09
C ALA C 101 20.23 12.17 -1.32
N ILE C 102 21.21 11.58 -2.01
CA ILE C 102 22.25 10.81 -1.35
C ILE C 102 23.44 11.67 -0.95
N THR C 103 24.01 12.42 -1.91
CA THR C 103 25.25 13.13 -1.67
C THR C 103 25.04 14.44 -0.90
N TYR C 104 23.86 15.03 -0.96
CA TYR C 104 23.57 16.26 -0.23
C TYR C 104 22.42 16.14 0.75
N SER C 105 21.81 14.95 0.87
CA SER C 105 20.68 14.72 1.78
C SER C 105 19.54 15.69 1.51
N ASP C 106 19.31 15.99 0.22
CA ASP C 106 18.24 16.89 -0.17
C ASP C 106 16.89 16.26 0.16
N ASN C 107 16.09 16.96 0.97
CA ASN C 107 14.85 16.38 1.46
C ASN C 107 13.74 16.42 0.41
N THR C 108 13.64 17.51 -0.35
CA THR C 108 12.62 17.58 -1.39
C THR C 108 12.88 16.56 -2.48
N ALA C 109 14.15 16.33 -2.82
CA ALA C 109 14.49 15.29 -3.79
C ALA C 109 13.99 13.92 -3.34
N ALA C 110 14.10 13.64 -2.04
CA ALA C 110 13.60 12.37 -1.52
C ALA C 110 12.09 12.29 -1.62
N ASN C 111 11.39 13.40 -1.36
CA ASN C 111 9.93 13.41 -1.50
C ASN C 111 9.50 13.19 -2.94
N LEU C 112 10.24 13.77 -3.90
CA LEU C 112 9.91 13.58 -5.30
C LEU C 112 10.18 12.15 -5.74
N LEU C 113 11.25 11.53 -5.22
CA LEU C 113 11.52 10.14 -5.56
C LEU C 113 10.54 9.20 -4.89
N LEU C 114 10.02 9.57 -3.72
CA LEU C 114 9.05 8.73 -3.04
C LEU C 114 7.73 8.64 -3.82
N GLU C 115 7.26 9.77 -4.36
CA GLU C 115 6.06 9.71 -5.17
C GLU C 115 6.33 9.06 -6.53
N ALA C 116 7.58 9.11 -6.98
CA ALA C 116 7.96 8.32 -8.15
C ALA C 116 7.78 6.83 -7.88
N LEU C 117 8.04 6.41 -6.65
CA LEU C 117 7.83 5.01 -6.26
C LEU C 117 6.37 4.72 -5.98
N GLY C 118 5.62 5.71 -5.50
CA GLY C 118 4.28 5.50 -5.02
C GLY C 118 4.08 5.72 -3.53
N GLY C 119 5.11 6.19 -2.82
CA GLY C 119 4.98 6.51 -1.42
C GLY C 119 5.83 5.62 -0.52
N PRO C 120 5.83 5.93 0.78
CA PRO C 120 6.64 5.13 1.71
C PRO C 120 6.29 3.65 1.73
N ALA C 121 5.01 3.30 1.58
CA ALA C 121 4.64 1.89 1.58
C ALA C 121 5.25 1.14 0.40
N ALA C 122 5.42 1.82 -0.73
CA ALA C 122 6.08 1.20 -1.88
C ALA C 122 7.55 0.92 -1.59
N LEU C 123 8.21 1.82 -0.85
CA LEU C 123 9.60 1.57 -0.46
C LEU C 123 9.68 0.39 0.49
N THR C 124 8.79 0.34 1.48
CA THR C 124 8.75 -0.80 2.39
C THR C 124 8.50 -2.11 1.64
N ALA C 125 7.62 -2.07 0.64
CA ALA C 125 7.33 -3.26 -0.13
C ALA C 125 8.55 -3.73 -0.93
N PHE C 126 9.32 -2.78 -1.48
CA PHE C 126 10.55 -3.15 -2.16
C PHE C 126 11.53 -3.81 -1.20
N LEU C 127 11.60 -3.30 0.03
CA LEU C 127 12.49 -3.90 1.02
C LEU C 127 12.03 -5.30 1.41
N ARG C 128 10.72 -5.49 1.56
CA ARG C 128 10.19 -6.84 1.78
C ARG C 128 10.49 -7.75 0.60
N SER C 129 10.57 -7.19 -0.60
CA SER C 129 10.81 -7.99 -1.80
C SER C 129 12.23 -8.53 -1.86
N ILE C 130 13.18 -7.94 -1.13
CA ILE C 130 14.56 -8.39 -1.14
C ILE C 130 14.94 -9.09 0.16
N GLY C 131 13.98 -9.39 1.01
CA GLY C 131 14.25 -10.13 2.22
C GLY C 131 14.51 -9.30 3.46
N ASP C 132 14.29 -7.99 3.39
CA ASP C 132 14.38 -7.13 4.58
C ASP C 132 12.99 -7.10 5.21
N ASN C 133 12.82 -7.87 6.28
CA ASN C 133 11.54 -7.96 6.98
C ASN C 133 11.51 -7.08 8.22
N VAL C 134 12.40 -6.09 8.32
CA VAL C 134 12.58 -5.29 9.51
C VAL C 134 12.38 -3.80 9.22
N THR C 135 13.07 -3.29 8.20
CA THR C 135 13.02 -1.86 7.90
C THR C 135 11.63 -1.46 7.41
N ARG C 136 11.19 -0.27 7.84
CA ARG C 136 9.89 0.24 7.44
C ARG C 136 9.97 1.76 7.31
N LEU C 137 9.42 2.29 6.22
CA LEU C 137 9.21 3.72 6.06
C LEU C 137 7.72 3.99 6.07
N ASP C 138 7.30 4.99 6.83
CA ASP C 138 5.89 5.28 7.04
C ASP C 138 5.48 6.68 6.61
N ARG C 139 6.38 7.66 6.68
CA ARG C 139 6.03 9.05 6.48
C ARG C 139 6.94 9.68 5.43
N TRP C 140 6.61 10.93 5.08
CA TRP C 140 7.37 11.71 4.12
C TRP C 140 8.30 12.68 4.86
N GLU C 141 9.06 13.44 4.08
CA GLU C 141 9.86 14.52 4.66
C GLU C 141 8.96 15.73 4.94
N PRO C 142 9.16 16.42 6.07
CA PRO C 142 10.19 16.17 7.08
C PRO C 142 9.70 15.34 8.27
N GLU C 143 8.46 14.86 8.22
CA GLU C 143 7.86 14.22 9.39
C GLU C 143 8.59 12.94 9.78
N LEU C 144 9.24 12.27 8.83
CA LEU C 144 9.92 11.01 9.13
C LEU C 144 11.15 11.19 10.01
N ASN C 145 11.51 12.41 10.39
CA ASN C 145 12.69 12.67 11.20
C ASN C 145 12.36 12.98 12.66
N THR C 146 11.11 12.76 13.08
CA THR C 146 10.71 13.13 14.44
C THR C 146 11.50 12.34 15.48
N ALA C 147 11.78 11.05 15.20
CA ALA C 147 12.64 10.23 16.03
C ALA C 147 12.16 10.17 17.48
N ALA C 148 10.86 10.03 17.66
CA ALA C 148 10.30 9.94 19.00
C ALA C 148 10.63 8.60 19.61
N PRO C 149 11.06 8.57 20.88
CA PRO C 149 11.30 7.28 21.54
C PRO C 149 10.03 6.45 21.61
N GLY C 150 10.17 5.15 21.33
CA GLY C 150 9.06 4.23 21.35
C GLY C 150 8.22 4.19 20.09
N ASP C 151 8.56 4.98 19.07
CA ASP C 151 7.80 5.03 17.83
C ASP C 151 8.46 4.13 16.80
N PRO C 152 7.83 3.04 16.39
CA PRO C 152 8.46 2.15 15.40
C PRO C 152 8.45 2.70 13.98
N ARG C 153 7.73 3.80 13.73
CA ARG C 153 7.65 4.35 12.38
C ARG C 153 9.03 4.82 11.90
N ASP C 154 9.31 4.54 10.63
CA ASP C 154 10.52 5.03 9.97
C ASP C 154 11.78 4.59 10.70
N THR C 155 11.82 3.31 11.06
CA THR C 155 12.92 2.74 11.82
C THR C 155 13.56 1.58 11.08
N THR C 156 14.78 1.26 11.50
CA THR C 156 15.49 0.06 11.07
C THR C 156 16.26 -0.47 12.27
N THR C 157 16.93 -1.60 12.07
CA THR C 157 17.94 -1.99 13.04
C THR C 157 19.30 -1.95 12.38
N PRO C 158 20.37 -1.70 13.15
CA PRO C 158 21.71 -1.69 12.53
C PRO C 158 22.04 -2.97 11.80
N ALA C 159 21.66 -4.13 12.36
CA ALA C 159 21.95 -5.40 11.70
C ALA C 159 21.17 -5.54 10.41
N ALA C 160 19.90 -5.11 10.40
CA ALA C 160 19.10 -5.21 9.18
C ALA C 160 19.61 -4.27 8.10
N MET C 161 19.99 -3.05 8.49
CA MET C 161 20.47 -2.08 7.50
C MET C 161 21.77 -2.54 6.86
N ALA C 162 22.71 -3.04 7.66
CA ALA C 162 23.97 -3.53 7.11
C ALA C 162 23.74 -4.71 6.18
N ALA C 163 22.84 -5.63 6.56
CA ALA C 163 22.56 -6.78 5.71
C ALA C 163 21.88 -6.36 4.41
N THR C 164 21.01 -5.33 4.48
CA THR C 164 20.30 -4.90 3.28
C THR C 164 21.25 -4.26 2.28
N LEU C 165 22.22 -3.47 2.75
CA LEU C 165 23.16 -2.83 1.84
C LEU C 165 24.09 -3.86 1.21
N ARG C 166 24.53 -4.85 1.99
CA ARG C 166 25.31 -5.94 1.40
C ARG C 166 24.53 -6.61 0.29
N THR C 167 23.23 -6.81 0.48
CA THR C 167 22.41 -7.40 -0.57
C THR C 167 22.24 -6.44 -1.74
N LEU C 168 22.05 -5.15 -1.46
CA LEU C 168 21.84 -4.18 -2.54
C LEU C 168 23.10 -4.00 -3.37
N LEU C 169 24.25 -3.86 -2.72
CA LEU C 169 25.48 -3.54 -3.42
C LEU C 169 26.22 -4.76 -3.94
N LEU C 170 26.01 -5.94 -3.33
CA LEU C 170 26.73 -7.14 -3.72
C LEU C 170 25.85 -8.29 -4.16
N GLY C 171 24.53 -8.18 -4.04
CA GLY C 171 23.63 -9.25 -4.40
C GLY C 171 23.11 -9.14 -5.82
N ASP C 172 22.11 -9.97 -6.12
N ASP C 172 22.13 -9.97 -6.13
CA ASP C 172 21.47 -10.04 -7.42
CA ASP C 172 21.51 -9.98 -7.45
C ASP C 172 20.31 -9.07 -7.57
C ASP C 172 20.22 -9.17 -7.50
N VAL C 173 20.02 -8.26 -6.54
CA VAL C 173 18.82 -7.42 -6.55
C VAL C 173 18.88 -6.42 -7.69
N LEU C 174 19.97 -5.67 -7.78
CA LEU C 174 20.14 -4.67 -8.83
C LEU C 174 21.06 -5.19 -9.93
N SER C 175 20.86 -4.67 -11.14
CA SER C 175 21.74 -4.98 -12.23
C SER C 175 23.15 -4.50 -11.92
N PRO C 176 24.17 -5.06 -12.56
CA PRO C 176 25.54 -4.57 -12.35
C PRO C 176 25.69 -3.08 -12.60
N ALA C 177 24.94 -2.53 -13.56
CA ALA C 177 25.04 -1.10 -13.85
C ALA C 177 24.48 -0.26 -12.70
N SER C 178 23.36 -0.67 -12.13
CA SER C 178 22.74 0.09 -11.04
C SER C 178 23.44 -0.13 -9.70
N ARG C 179 24.05 -1.30 -9.50
CA ARG C 179 24.88 -1.49 -8.32
C ARG C 179 26.05 -0.51 -8.33
N GLN C 180 26.69 -0.35 -9.48
CA GLN C 180 27.81 0.59 -9.58
C GLN C 180 27.35 2.03 -9.41
N GLN C 181 26.17 2.37 -9.93
CA GLN C 181 25.65 3.72 -9.79
C GLN C 181 25.35 4.04 -8.33
N LEU C 182 24.70 3.12 -7.63
CA LEU C 182 24.43 3.31 -6.21
C LEU C 182 25.73 3.43 -5.41
N VAL C 183 26.73 2.62 -5.76
CA VAL C 183 28.03 2.72 -5.11
C VAL C 183 28.67 4.08 -5.41
N ASP C 184 28.58 4.53 -6.66
CA ASP C 184 29.17 5.81 -7.03
C ASP C 184 28.53 6.97 -6.27
N TRP C 185 27.21 6.93 -6.10
CA TRP C 185 26.52 7.98 -5.38
C TRP C 185 26.96 8.02 -3.91
N LEU C 186 27.02 6.84 -3.28
CA LEU C 186 27.42 6.78 -1.87
C LEU C 186 28.85 7.24 -1.67
N ILE C 187 29.74 6.88 -2.60
CA ILE C 187 31.14 7.29 -2.50
C ILE C 187 31.27 8.80 -2.63
N ALA C 188 30.38 9.43 -3.40
CA ALA C 188 30.43 10.86 -3.64
C ALA C 188 29.67 11.68 -2.59
N ASN C 189 29.32 11.08 -1.46
CA ASN C 189 28.58 11.80 -0.44
C ASN C 189 29.43 12.93 0.13
N LYS C 190 28.79 14.08 0.37
CA LYS C 190 29.44 15.25 0.92
C LYS C 190 29.02 15.56 2.35
N THR C 191 28.15 14.73 2.95
CA THR C 191 27.55 15.02 4.24
C THR C 191 28.23 14.32 5.41
N GLY C 192 29.12 13.35 5.15
CA GLY C 192 29.62 12.53 6.23
C GLY C 192 31.10 12.66 6.54
N ASP C 193 31.68 13.82 6.26
CA ASP C 193 33.10 14.03 6.56
C ASP C 193 33.39 14.01 8.05
N LYS C 194 32.38 14.31 8.89
CA LYS C 194 32.56 14.41 10.34
C LYS C 194 32.19 13.14 11.08
N ARG C 195 31.73 12.09 10.39
CA ARG C 195 31.15 10.94 11.06
C ARG C 195 32.04 9.73 10.78
N LEU C 196 31.52 8.69 10.12
CA LEU C 196 32.30 7.46 9.96
C LEU C 196 33.58 7.69 9.18
N ARG C 197 33.54 8.56 8.16
CA ARG C 197 34.74 8.85 7.38
C ARG C 197 35.85 9.43 8.24
N ALA C 198 35.49 10.21 9.27
CA ALA C 198 36.50 10.88 10.09
C ALA C 198 37.38 9.88 10.83
N GLY C 199 36.79 8.80 11.33
CA GLY C 199 37.53 7.82 12.10
C GLY C 199 38.17 6.71 11.32
N LEU C 200 37.86 6.58 10.01
CA LEU C 200 38.39 5.49 9.22
C LEU C 200 39.76 5.84 8.66
N PRO C 201 40.62 4.84 8.48
CA PRO C 201 41.93 5.08 7.86
C PRO C 201 41.80 5.72 6.49
N ALA C 202 42.76 6.57 6.16
CA ALA C 202 42.64 7.42 4.98
C ALA C 202 42.66 6.64 3.67
N ASP C 203 43.35 5.50 3.64
CA ASP C 203 43.41 4.72 2.41
C ASP C 203 42.19 3.84 2.20
N ASP C 204 41.22 3.89 3.10
CA ASP C 204 39.98 3.14 2.92
C ASP C 204 39.07 3.85 1.93
N ARG C 205 38.58 3.11 0.93
CA ARG C 205 37.55 3.62 0.05
C ARG C 205 36.20 3.55 0.75
N VAL C 206 35.49 4.66 0.80
CA VAL C 206 34.29 4.79 1.63
C VAL C 206 33.15 5.34 0.80
N GLY C 207 31.98 4.71 0.91
CA GLY C 207 30.72 5.31 0.51
C GLY C 207 29.78 5.28 1.70
N ASP C 208 29.00 6.35 1.87
CA ASP C 208 28.18 6.44 3.07
C ASP C 208 26.96 7.31 2.82
N LYS C 209 25.98 7.16 3.72
CA LYS C 209 24.79 8.00 3.75
C LYS C 209 24.49 8.34 5.21
N THR C 210 24.29 9.62 5.48
CA THR C 210 24.10 10.11 6.84
C THR C 210 22.62 10.29 7.17
N GLY C 211 22.35 10.44 8.46
CA GLY C 211 21.01 10.73 8.94
C GLY C 211 21.04 11.57 10.20
N THR C 212 20.21 12.60 10.25
CA THR C 212 20.11 13.47 11.41
C THR C 212 18.64 13.72 11.72
N GLY C 213 18.29 13.69 12.99
CA GLY C 213 16.91 13.87 13.39
C GLY C 213 16.81 14.52 14.76
N GLU C 214 15.57 14.65 15.23
CA GLU C 214 15.31 15.24 16.53
C GLU C 214 15.68 14.26 17.64
N HIS C 215 15.55 14.72 18.88
CA HIS C 215 15.90 13.94 20.06
C HIS C 215 17.35 13.46 19.99
N GLY C 216 18.24 14.36 19.58
CA GLY C 216 19.66 14.06 19.49
C GLY C 216 19.99 12.83 18.68
N THR C 217 19.48 12.76 17.45
CA THR C 217 19.66 11.61 16.58
C THR C 217 20.73 11.91 15.54
N THR C 218 21.73 11.03 15.47
CA THR C 218 22.84 11.18 14.53
C THR C 218 23.21 9.80 14.02
N ASN C 219 23.06 9.59 12.71
CA ASN C 219 23.26 8.27 12.11
C ASN C 219 24.24 8.35 10.96
N ASP C 220 24.90 7.22 10.69
CA ASP C 220 25.76 7.11 9.54
C ASP C 220 25.88 5.64 9.15
N ILE C 221 25.80 5.39 7.85
CA ILE C 221 25.85 4.04 7.29
C ILE C 221 26.87 4.05 6.17
N ALA C 222 27.74 3.04 6.13
CA ALA C 222 28.85 3.06 5.20
C ALA C 222 29.13 1.69 4.63
N VAL C 223 29.73 1.68 3.44
CA VAL C 223 30.40 0.52 2.87
C VAL C 223 31.88 0.90 2.71
N VAL C 224 32.76 0.07 3.26
CA VAL C 224 34.18 0.40 3.39
C VAL C 224 35.00 -0.64 2.64
N TRP C 225 35.87 -0.16 1.75
CA TRP C 225 36.80 -1.03 1.02
C TRP C 225 38.22 -0.79 1.53
N PRO C 226 38.75 -1.64 2.41
CA PRO C 226 40.16 -1.55 2.78
C PRO C 226 41.03 -1.98 1.62
N PRO C 227 42.32 -1.62 1.63
CA PRO C 227 43.19 -1.98 0.50
C PRO C 227 43.29 -3.49 0.31
N ASN C 228 43.02 -3.94 -0.92
CA ASN C 228 43.05 -5.35 -1.29
C ASN C 228 42.19 -6.19 -0.33
N HIS C 229 40.98 -5.71 -0.09
CA HIS C 229 40.12 -6.28 0.93
C HIS C 229 38.68 -6.23 0.48
N ALA C 230 37.92 -7.27 0.80
CA ALA C 230 36.50 -7.31 0.51
C ALA C 230 35.77 -6.23 1.32
N PRO C 231 34.60 -5.79 0.85
CA PRO C 231 33.92 -4.67 1.51
C PRO C 231 33.49 -5.02 2.92
N ILE C 232 33.47 -3.99 3.78
CA ILE C 232 32.96 -4.08 5.13
C ILE C 232 31.78 -3.12 5.25
N PHE C 233 30.66 -3.61 5.77
CA PHE C 233 29.45 -2.81 5.90
C PHE C 233 29.25 -2.41 7.36
N LEU C 234 28.90 -1.15 7.57
CA LEU C 234 28.87 -0.55 8.90
C LEU C 234 27.64 0.32 9.04
N ALA C 235 26.84 0.06 10.07
CA ALA C 235 25.63 0.84 10.36
C ALA C 235 25.72 1.33 11.79
N VAL C 236 25.72 2.65 11.97
CA VAL C 236 25.81 3.27 13.28
C VAL C 236 24.60 4.18 13.48
N TYR C 237 23.92 4.00 14.60
CA TYR C 237 22.73 4.79 14.92
C TYR C 237 22.84 5.31 16.35
N LEU C 238 22.65 6.61 16.51
CA LEU C 238 22.70 7.26 17.81
C LEU C 238 21.44 8.11 17.97
N THR C 239 20.77 7.96 19.10
CA THR C 239 19.53 8.70 19.34
C THR C 239 19.36 8.92 20.84
N GLU C 240 18.48 9.87 21.17
CA GLU C 240 18.21 10.27 22.56
C GLU C 240 19.47 10.74 23.27
N SER C 241 20.44 11.30 22.53
CA SER C 241 21.69 11.73 23.12
C SER C 241 21.59 13.18 23.59
N GLN C 242 22.35 13.48 24.64
CA GLN C 242 22.28 14.78 25.31
C GLN C 242 23.46 15.69 24.98
N VAL C 243 24.41 15.23 24.19
CA VAL C 243 25.53 16.06 23.78
C VAL C 243 25.17 16.79 22.49
N ASP C 244 25.91 17.87 22.19
CA ASP C 244 25.53 18.75 21.09
C ASP C 244 25.83 18.07 19.75
N ALA C 245 25.59 18.82 18.67
CA ALA C 245 25.66 18.25 17.32
C ALA C 245 27.07 17.82 16.97
N ASP C 246 28.07 18.64 17.30
CA ASP C 246 29.46 18.29 16.96
C ASP C 246 29.92 17.08 17.76
N ALA C 247 29.52 16.98 19.03
CA ALA C 247 29.91 15.84 19.84
C ALA C 247 29.23 14.55 19.36
N ARG C 248 28.00 14.65 18.85
CA ARG C 248 27.33 13.47 18.32
C ARG C 248 28.04 12.95 17.08
N ASP C 249 28.55 13.85 16.22
CA ASP C 249 29.36 13.43 15.09
C ASP C 249 30.62 12.72 15.56
N ALA C 250 31.26 13.24 16.61
CA ALA C 250 32.48 12.63 17.11
C ALA C 250 32.23 11.24 17.68
N VAL C 251 31.03 11.01 18.23
CA VAL C 251 30.67 9.67 18.68
C VAL C 251 30.70 8.69 17.52
N ILE C 252 30.13 9.08 16.39
CA ILE C 252 30.14 8.23 15.20
C ILE C 252 31.57 7.99 14.73
N ALA C 253 32.37 9.06 14.68
CA ALA C 253 33.78 8.91 14.32
C ALA C 253 34.51 8.02 15.32
N GLU C 254 34.16 8.13 16.60
CA GLU C 254 34.77 7.27 17.61
C GLU C 254 34.38 5.81 17.41
N VAL C 255 33.14 5.56 16.99
CA VAL C 255 32.73 4.19 16.69
C VAL C 255 33.58 3.61 15.57
N ALA C 256 33.85 4.41 14.54
CA ALA C 256 34.71 3.95 13.45
C ALA C 256 36.08 3.54 13.98
N ARG C 257 36.71 4.40 14.78
CA ARG C 257 38.03 4.09 15.31
C ARG C 257 38.01 2.83 16.17
N LEU C 258 36.97 2.66 16.98
CA LEU C 258 36.87 1.46 17.81
C LEU C 258 36.68 0.22 16.97
N VAL C 259 35.92 0.32 15.89
CA VAL C 259 35.67 -0.83 15.02
C VAL C 259 36.95 -1.25 14.30
N VAL C 260 37.63 -0.28 13.68
CA VAL C 260 38.88 -0.57 12.99
C VAL C 260 39.89 -1.18 13.96
N ALA C 261 39.95 -0.65 15.17
CA ALA C 261 40.90 -1.15 16.16
C ALA C 261 40.49 -2.50 16.71
N ALA C 262 39.20 -2.84 16.67
CA ALA C 262 38.81 -4.20 16.99
C ALA C 262 39.25 -5.15 15.89
N TRP C 263 39.24 -4.69 14.64
CA TRP C 263 39.50 -5.57 13.50
C TRP C 263 40.98 -5.83 13.28
N VAL C 264 41.85 -4.91 13.72
CA VAL C 264 43.29 -5.18 13.63
C VAL C 264 43.71 -6.33 14.52
N HIS C 265 42.86 -6.74 15.46
CA HIS C 265 43.12 -7.88 16.33
C HIS C 265 42.67 -9.19 15.72
N HIS C 266 41.63 -9.16 14.87
CA HIS C 266 41.18 -10.37 14.22
C HIS C 266 42.22 -10.91 13.25
N HIS C 267 43.06 -10.04 12.71
CA HIS C 267 44.11 -10.46 11.77
C HIS C 267 45.39 -10.81 12.52
C1 GOL D . -8.94 16.09 -33.45
O1 GOL D . -7.82 16.83 -33.09
C2 GOL D . -9.50 16.73 -34.74
O2 GOL D . -8.81 16.32 -35.88
C3 GOL D . -10.99 16.32 -34.78
O3 GOL D . -11.09 15.23 -35.64
C FMT E . -23.05 18.11 -27.53
O1 FMT E . -22.21 17.42 -26.94
O2 FMT E . -24.17 17.71 -27.85
C FMT F . -16.25 14.76 -9.58
O1 FMT F . -16.68 13.73 -9.05
O2 FMT F . -15.08 14.92 -9.91
C FMT G . -13.33 3.77 2.83
O1 FMT G . -14.03 4.13 3.77
O2 FMT G . -12.89 2.63 2.69
C ACT H . 3.60 14.19 -0.38
O ACT H . 4.17 14.05 -1.50
OXT ACT H . 2.55 13.63 0.05
CH3 ACT H . 4.29 15.18 0.62
NA NA I . -28.06 -3.81 1.35
C1 GOL J . -11.98 -15.18 -1.68
O1 GOL J . -12.48 -15.13 -0.39
C2 GOL J . -11.68 -16.66 -1.99
O2 GOL J . -12.22 -17.06 -3.21
C3 GOL J . -10.14 -16.78 -1.98
O3 GOL J . -9.78 -17.43 -3.15
C FMT K . -10.22 -13.53 20.65
O1 FMT K . -11.39 -13.87 20.81
O2 FMT K . -9.41 -14.17 19.98
C FMT L . -3.13 -2.31 -0.04
O1 FMT L . -3.07 -3.47 -0.46
O2 FMT L . -4.02 -1.90 0.71
C FMT M . -9.65 -10.21 19.89
O1 FMT M . -8.85 -9.28 20.01
O2 FMT M . -10.32 -10.41 18.88
C ACT N . 14.49 -7.29 15.43
O ACT N . 14.93 -7.74 16.52
OXT ACT N . 14.76 -7.66 14.25
CH3 ACT N . 13.50 -6.09 15.52
C1 GOL O . 5.26 15.53 -12.35
O1 GOL O . 5.35 16.83 -11.84
C2 GOL O . 6.31 15.40 -13.48
O2 GOL O . 5.98 14.40 -14.37
C3 GOL O . 6.29 16.77 -14.16
O3 GOL O . 7.59 17.24 -14.17
C FMT P . 21.88 14.03 7.16
O1 FMT P . 21.73 13.39 6.11
O2 FMT P . 22.64 13.68 8.06
C FMT Q . 4.96 17.42 -6.42
O1 FMT Q . 5.45 17.03 -5.37
O2 FMT Q . 5.36 17.10 -7.53
C ACT R . 39.04 -1.05 8.67
O ACT R . 39.03 0.21 8.71
OXT ACT R . 38.68 -1.89 9.53
CH3 ACT R . 39.56 -1.67 7.35
C ACT S . 3.09 -0.52 14.96
O ACT S . 4.04 -1.34 14.90
OXT ACT S . 2.84 0.46 14.21
CH3 ACT S . 2.08 -0.77 16.13
#